data_5ZUI
#
_entry.id   5ZUI
#
_cell.length_a   131.182
_cell.length_b   131.182
_cell.length_c   137.042
_cell.angle_alpha   90.00
_cell.angle_beta   90.00
_cell.angle_gamma   120.00
#
_symmetry.space_group_name_H-M   'P 65'
#
loop_
_entity.id
_entity.type
_entity.pdbx_description
1 polymer 'Heat Shock Protein 104'
2 non-polymer "ADENOSINE-5'-DIPHOSPHATE"
3 non-polymer 'SULFATE ION'
4 water water
#
_entity_poly.entity_id   1
_entity_poly.type   'polypeptide(L)'
_entity_poly.pdbx_seq_one_letter_code
;MVDSRNADTEQENENLSKFCIDMTAMAREGKIDPVIGREEEIRRVIRILSRRTKNNPVLIGEPGVGKTTIVEGLAQRIVN
ADVPDNLAACKLLSLDVGALVAGSKYRGEFEERMKGVLKEIQESKETIILFVDEIHLLMGAGSSGEGGMDAANLLKPMLA
RGQLHCIGATTLAEYRKYIEKDAAFERRFQQVLVKEPSITETISILRGLKEKYEVHHGVNIADAAIVAAANLAARYLTSR
RLPDSAVDLIDEAAAAVRVARESQPEIIDSLERRLRQLKIEIHALSREKDEASKARLAQAKQDAQNVEEELRPLREKYER
ERQRGKAIQEAKMKLEALRVKAEDASRMGDHSRAADLQYYAIPEQEAIIKRLEAEKAAADAALNANGADVGGSMITDVVG
PDQINEIVARWTGIPVTRLKTSEKEKLLHMEQALSKIVVGQKEAVQSVSNAIRLQRSGLSNPNQPPSFLFCGPSGTGKTL
LTKALAEFLFDDPKSMIRFDMSEYQERHSLSRMIGAPPGYVGHDAGGQLTEALRRRPFSILLFDEVEKAAKEVLTVLLQL
MDDGRITDGQGRVVDAKNCIVVMTSNLGAEYLSRANNGKDGKIDPTTRELVMNTLRNYFLPEFLNRISSIVIFNRLTRRE
IRKIVDLRIAEIQKRLTDNDRNVTIKVSDEAKDKLGAQGYSPVYGARPLQRLLEKEVLNRLAILILRGQIREGEVACVEL
VDGKVQVLPNHPDSEPEDVDVDMESDDAVDEVAPDSMDEDIYND
;
_entity_poly.pdbx_strand_id   A
#
loop_
_chem_comp.id
_chem_comp.type
_chem_comp.name
_chem_comp.formula
ADP non-polymer ADENOSINE-5'-DIPHOSPHATE 'C10 H15 N5 O10 P2'
SO4 non-polymer 'SULFATE ION' 'O4 S -2'
#
# COMPACT_ATOMS: atom_id res chain seq x y z
N ASN A 15 -32.98 8.08 -26.97
CA ASN A 15 -31.76 7.30 -27.16
C ASN A 15 -31.10 6.98 -25.82
N LEU A 16 -30.81 5.71 -25.59
CA LEU A 16 -30.23 5.26 -24.32
C LEU A 16 -28.73 5.53 -24.22
N SER A 17 -28.27 6.68 -24.74
CA SER A 17 -26.94 7.20 -24.45
C SER A 17 -26.82 7.69 -23.02
N LYS A 18 -27.87 7.56 -22.21
CA LYS A 18 -27.81 7.94 -20.81
C LYS A 18 -26.84 7.05 -20.04
N PHE A 19 -26.60 5.83 -20.52
CA PHE A 19 -25.87 4.82 -19.77
C PHE A 19 -24.51 4.48 -20.35
N CYS A 20 -24.12 5.07 -21.49
CA CYS A 20 -22.88 4.71 -22.16
C CYS A 20 -22.10 5.96 -22.50
N ILE A 21 -20.77 5.84 -22.50
CA ILE A 21 -19.88 6.89 -22.97
C ILE A 21 -19.04 6.34 -24.11
N ASP A 22 -18.85 7.17 -25.13
CA ASP A 22 -18.10 6.77 -26.32
C ASP A 22 -16.62 6.90 -26.02
N MET A 23 -15.96 5.77 -25.79
CA MET A 23 -14.53 5.81 -25.48
C MET A 23 -13.69 6.17 -26.69
N THR A 24 -14.10 5.72 -27.88
CA THR A 24 -13.38 6.10 -29.10
C THR A 24 -13.49 7.59 -29.34
N ALA A 25 -14.65 8.18 -29.06
CA ALA A 25 -14.80 9.62 -29.17
C ALA A 25 -13.85 10.33 -28.21
N MET A 26 -13.86 9.91 -26.93
CA MET A 26 -12.98 10.51 -25.94
C MET A 26 -11.53 10.48 -26.40
N ALA A 27 -11.13 9.41 -27.10
CA ALA A 27 -9.74 9.32 -27.56
C ALA A 27 -9.41 10.42 -28.57
N ARG A 28 -10.35 10.75 -29.45
CA ARG A 28 -10.10 11.79 -30.44
C ARG A 28 -10.02 13.17 -29.80
N GLU A 29 -10.68 13.35 -28.65
CA GLU A 29 -10.74 14.63 -27.97
C GLU A 29 -9.70 14.77 -26.88
N GLY A 30 -8.70 13.88 -26.85
CA GLY A 30 -7.64 13.99 -25.85
C GLY A 30 -8.12 13.85 -24.43
N LYS A 31 -9.25 13.15 -24.23
CA LYS A 31 -9.85 12.99 -22.91
C LYS A 31 -9.44 11.68 -22.23
N ILE A 32 -8.42 11.00 -22.77
CA ILE A 32 -7.90 9.77 -22.18
C ILE A 32 -6.43 9.99 -21.86
N ASP A 33 -6.10 9.93 -20.56
CA ASP A 33 -4.71 10.05 -20.13
C ASP A 33 -3.86 8.97 -20.81
N PRO A 34 -2.55 9.19 -20.92
CA PRO A 34 -1.71 8.21 -21.62
C PRO A 34 -1.73 6.82 -20.99
N VAL A 35 -1.46 5.82 -21.81
CA VAL A 35 -1.32 4.43 -21.39
C VAL A 35 0.15 4.05 -21.51
N ILE A 36 0.73 3.57 -20.42
CA ILE A 36 2.15 3.24 -20.35
C ILE A 36 2.29 1.72 -20.27
N GLY A 37 3.08 1.16 -21.18
CA GLY A 37 3.31 -0.28 -21.19
C GLY A 37 2.06 -1.04 -21.59
N ARG A 38 1.95 -2.26 -21.05
CA ARG A 38 0.78 -3.12 -21.22
C ARG A 38 0.54 -3.45 -22.69
N GLU A 39 1.63 -3.57 -23.46
CA GLU A 39 1.50 -3.82 -24.88
C GLU A 39 1.00 -5.23 -25.16
N GLU A 40 1.54 -6.22 -24.43
CA GLU A 40 1.15 -7.60 -24.70
C GLU A 40 -0.30 -7.86 -24.32
N GLU A 41 -0.81 -7.19 -23.29
CA GLU A 41 -2.22 -7.37 -22.93
C GLU A 41 -3.13 -6.76 -23.99
N ILE A 42 -2.75 -5.62 -24.57
CA ILE A 42 -3.59 -5.02 -25.60
C ILE A 42 -3.51 -5.83 -26.89
N ARG A 43 -2.36 -6.44 -27.17
CA ARG A 43 -2.30 -7.34 -28.32
C ARG A 43 -3.23 -8.54 -28.11
N ARG A 44 -3.27 -9.07 -26.88
CA ARG A 44 -4.16 -10.19 -26.60
C ARG A 44 -5.61 -9.80 -26.81
N VAL A 45 -6.00 -8.60 -26.36
CA VAL A 45 -7.38 -8.17 -26.53
C VAL A 45 -7.72 -8.04 -28.01
N ILE A 46 -6.80 -7.43 -28.78
CA ILE A 46 -6.97 -7.31 -30.22
C ILE A 46 -7.07 -8.70 -30.86
N ARG A 47 -6.18 -9.59 -30.47
CA ARG A 47 -6.18 -10.94 -31.03
C ARG A 47 -7.48 -11.66 -30.74
N ILE A 48 -7.96 -11.58 -29.48
CA ILE A 48 -9.22 -12.24 -29.12
C ILE A 48 -10.37 -11.65 -29.92
N LEU A 49 -10.45 -10.31 -29.96
CA LEU A 49 -11.55 -9.66 -30.69
C LEU A 49 -11.56 -10.04 -32.15
N SER A 50 -10.38 -10.28 -32.74
CA SER A 50 -10.29 -10.60 -34.16
C SER A 50 -10.65 -12.05 -34.46
N ARG A 51 -10.70 -12.91 -33.45
CA ARG A 51 -11.15 -14.27 -33.67
C ARG A 51 -12.60 -14.28 -34.14
N ARG A 52 -12.98 -15.39 -34.78
CA ARG A 52 -14.40 -15.66 -34.99
C ARG A 52 -14.95 -16.63 -33.97
N THR A 53 -14.07 -17.42 -33.33
CA THR A 53 -14.43 -18.35 -32.26
C THR A 53 -15.02 -17.62 -31.06
N LYS A 54 -14.32 -17.66 -29.93
CA LYS A 54 -14.70 -16.89 -28.74
C LYS A 54 -13.94 -15.58 -28.80
N ASN A 55 -14.62 -14.53 -29.26
CA ASN A 55 -13.97 -13.26 -29.57
C ASN A 55 -14.37 -12.14 -28.61
N ASN A 56 -14.63 -12.47 -27.35
CA ASN A 56 -14.96 -11.48 -26.35
C ASN A 56 -13.98 -11.58 -25.20
N PRO A 57 -13.05 -10.65 -25.04
CA PRO A 57 -12.10 -10.75 -23.93
C PRO A 57 -12.75 -10.37 -22.61
N VAL A 58 -12.30 -11.02 -21.54
CA VAL A 58 -12.66 -10.63 -20.18
C VAL A 58 -11.36 -10.41 -19.44
N LEU A 59 -11.15 -9.17 -18.97
CA LEU A 59 -9.96 -8.84 -18.20
C LEU A 59 -10.17 -9.25 -16.76
N ILE A 60 -9.17 -9.93 -16.18
CA ILE A 60 -9.28 -10.50 -14.85
C ILE A 60 -8.10 -10.00 -14.02
N GLY A 61 -8.36 -9.12 -13.06
CA GLY A 61 -7.32 -8.59 -12.23
C GLY A 61 -7.87 -7.89 -11.01
N GLU A 62 -7.00 -7.67 -10.04
CA GLU A 62 -7.41 -7.02 -8.80
C GLU A 62 -7.84 -5.58 -9.08
N PRO A 63 -8.64 -5.00 -8.19
CA PRO A 63 -9.08 -3.62 -8.42
C PRO A 63 -7.89 -2.66 -8.43
N GLY A 64 -7.81 -1.87 -9.50
CA GLY A 64 -6.80 -0.83 -9.61
C GLY A 64 -5.53 -1.21 -10.36
N VAL A 65 -5.43 -2.45 -10.84
CA VAL A 65 -4.23 -2.86 -11.57
C VAL A 65 -4.15 -2.27 -12.97
N GLY A 66 -5.25 -1.68 -13.47
CA GLY A 66 -5.22 -1.05 -14.76
C GLY A 66 -6.09 -1.70 -15.83
N LYS A 67 -7.08 -2.49 -15.42
CA LYS A 67 -7.95 -3.14 -16.38
C LYS A 67 -8.61 -2.13 -17.29
N THR A 68 -9.17 -1.06 -16.73
CA THR A 68 -9.87 -0.08 -17.55
C THR A 68 -8.92 0.62 -18.52
N THR A 69 -7.74 1.02 -18.05
CA THR A 69 -6.85 1.76 -18.93
C THR A 69 -6.34 0.90 -20.08
N ILE A 70 -6.42 -0.43 -19.96
CA ILE A 70 -6.13 -1.29 -21.10
C ILE A 70 -7.15 -1.07 -22.21
N VAL A 71 -8.44 -1.08 -21.85
CA VAL A 71 -9.49 -0.76 -22.83
C VAL A 71 -9.29 0.65 -23.36
N GLU A 72 -8.87 1.58 -22.51
CA GLU A 72 -8.60 2.94 -22.97
C GLU A 72 -7.52 2.97 -24.03
N GLY A 73 -6.46 2.17 -23.84
CA GLY A 73 -5.42 2.09 -24.85
C GLY A 73 -5.94 1.54 -26.18
N LEU A 74 -6.85 0.57 -26.11
CA LEU A 74 -7.44 0.04 -27.33
C LEU A 74 -8.21 1.14 -28.06
N ALA A 75 -8.94 1.98 -27.32
CA ALA A 75 -9.60 3.12 -27.95
C ALA A 75 -8.59 4.02 -28.64
N GLN A 76 -7.42 4.21 -28.01
CA GLN A 76 -6.37 4.99 -28.65
C GLN A 76 -5.87 4.31 -29.92
N ARG A 77 -5.81 2.98 -29.93
CA ARG A 77 -5.32 2.27 -31.10
C ARG A 77 -6.36 2.25 -32.23
N ILE A 78 -7.64 2.22 -31.90
CA ILE A 78 -8.68 2.23 -32.93
C ILE A 78 -8.66 3.54 -33.70
N VAL A 79 -8.55 4.68 -33.00
CA VAL A 79 -8.56 5.95 -33.68
C VAL A 79 -7.25 6.22 -34.41
N ASN A 80 -6.15 5.57 -34.02
CA ASN A 80 -4.85 5.80 -34.65
C ASN A 80 -4.55 4.79 -35.76
N ALA A 81 -5.55 4.03 -36.21
CA ALA A 81 -5.40 2.99 -37.23
C ALA A 81 -4.41 1.90 -36.85
N ASP A 82 -3.88 1.92 -35.62
CA ASP A 82 -3.02 0.85 -35.12
C ASP A 82 -3.82 -0.38 -34.70
N VAL A 83 -4.85 -0.72 -35.48
CA VAL A 83 -5.67 -1.91 -35.27
C VAL A 83 -5.76 -2.66 -36.58
N PRO A 84 -6.12 -3.94 -36.54
CA PRO A 84 -6.49 -4.63 -37.78
C PRO A 84 -7.74 -4.05 -38.39
N ASP A 85 -7.94 -4.35 -39.68
CA ASP A 85 -9.00 -3.71 -40.45
C ASP A 85 -10.38 -3.97 -39.86
N ASN A 86 -10.60 -5.16 -39.27
CA ASN A 86 -11.93 -5.49 -38.78
C ASN A 86 -12.37 -4.62 -37.61
N LEU A 87 -11.44 -3.90 -36.96
CA LEU A 87 -11.75 -3.03 -35.83
C LEU A 87 -11.54 -1.55 -36.13
N ALA A 88 -11.16 -1.18 -37.36
CA ALA A 88 -10.77 0.20 -37.62
C ALA A 88 -11.95 1.15 -37.46
N ALA A 89 -13.14 0.76 -37.92
CA ALA A 89 -14.32 1.63 -37.87
C ALA A 89 -15.24 1.28 -36.69
N CYS A 90 -14.67 0.92 -35.55
CA CYS A 90 -15.45 0.48 -34.41
C CYS A 90 -15.69 1.62 -33.43
N LYS A 91 -16.91 1.67 -32.89
CA LYS A 91 -17.26 2.58 -31.81
C LYS A 91 -17.24 1.80 -30.51
N LEU A 92 -16.25 2.08 -29.67
CA LEU A 92 -16.04 1.33 -28.43
C LEU A 92 -16.77 2.04 -27.30
N LEU A 93 -17.86 1.43 -26.82
CA LEU A 93 -18.73 2.04 -25.83
C LEU A 93 -18.50 1.42 -24.45
N SER A 94 -18.52 2.26 -23.42
CA SER A 94 -18.36 1.82 -22.04
C SER A 94 -19.71 1.91 -21.34
N LEU A 95 -20.25 0.76 -20.95
CA LEU A 95 -21.54 0.74 -20.27
C LEU A 95 -21.34 1.05 -18.79
N ASP A 96 -22.07 2.05 -18.29
CA ASP A 96 -21.98 2.47 -16.89
C ASP A 96 -22.90 1.58 -16.06
N VAL A 97 -22.41 0.37 -15.78
CA VAL A 97 -23.22 -0.59 -15.02
C VAL A 97 -23.44 -0.09 -13.60
N GLY A 98 -22.52 0.71 -13.06
CA GLY A 98 -22.74 1.29 -11.76
C GLY A 98 -23.97 2.18 -11.71
N ALA A 99 -24.14 3.04 -12.72
CA ALA A 99 -25.32 3.89 -12.81
C ALA A 99 -26.57 3.14 -13.24
N LEU A 100 -26.43 1.85 -13.58
CA LEU A 100 -27.52 1.04 -14.09
C LEU A 100 -28.18 0.22 -12.98
N VAL A 101 -27.41 -0.56 -12.25
CA VAL A 101 -28.00 -1.40 -11.20
C VAL A 101 -28.28 -0.58 -9.94
N ALA A 102 -27.39 0.36 -9.60
CA ALA A 102 -27.63 1.21 -8.44
C ALA A 102 -28.70 2.26 -8.72
N GLY A 103 -28.74 2.78 -9.94
CA GLY A 103 -29.76 3.75 -10.32
C GLY A 103 -31.12 3.12 -10.49
N SER A 104 -31.31 1.92 -9.92
CA SER A 104 -32.51 1.12 -10.14
C SER A 104 -32.81 0.34 -8.87
N LYS A 105 -33.99 -0.27 -8.85
CA LYS A 105 -34.46 -1.06 -7.72
C LYS A 105 -34.81 -2.48 -8.17
N TYR A 106 -35.57 -3.19 -7.33
CA TYR A 106 -36.02 -4.54 -7.66
C TYR A 106 -36.94 -4.55 -8.87
N ARG A 107 -37.51 -3.39 -9.20
CA ARG A 107 -38.52 -3.30 -10.24
C ARG A 107 -37.93 -3.72 -11.59
N GLY A 108 -38.81 -3.75 -12.59
CA GLY A 108 -38.39 -4.14 -13.91
C GLY A 108 -37.60 -3.11 -14.69
N GLU A 109 -36.95 -2.17 -14.00
CA GLU A 109 -36.18 -1.16 -14.73
C GLU A 109 -34.75 -1.61 -15.03
N PHE A 110 -34.17 -2.48 -14.19
CA PHE A 110 -32.89 -3.07 -14.57
C PHE A 110 -33.01 -3.81 -15.90
N GLU A 111 -34.04 -4.66 -16.02
CA GLU A 111 -34.25 -5.41 -17.25
C GLU A 111 -34.59 -4.48 -18.40
N GLU A 112 -35.48 -3.51 -18.16
CA GLU A 112 -35.91 -2.62 -19.24
C GLU A 112 -34.78 -1.71 -19.70
N ARG A 113 -33.96 -1.23 -18.77
CA ARG A 113 -32.86 -0.34 -19.13
C ARG A 113 -31.81 -1.07 -19.97
N MET A 114 -31.52 -2.32 -19.63
CA MET A 114 -30.46 -3.04 -20.34
C MET A 114 -30.91 -3.53 -21.70
N LYS A 115 -32.19 -3.91 -21.80
CA LYS A 115 -32.72 -4.25 -23.12
C LYS A 115 -32.71 -3.04 -24.03
N GLY A 116 -32.97 -1.86 -23.46
CA GLY A 116 -32.95 -0.64 -24.26
C GLY A 116 -31.58 -0.37 -24.87
N VAL A 117 -30.54 -0.42 -24.04
CA VAL A 117 -29.20 -0.21 -24.57
C VAL A 117 -28.81 -1.38 -25.48
N LEU A 118 -29.13 -2.61 -25.07
CA LEU A 118 -28.78 -3.78 -25.88
C LEU A 118 -29.44 -3.77 -27.25
N LYS A 119 -30.57 -3.08 -27.38
CA LYS A 119 -31.23 -2.99 -28.67
C LYS A 119 -30.89 -1.73 -29.46
N GLU A 120 -30.42 -0.69 -28.79
CA GLU A 120 -29.83 0.42 -29.54
C GLU A 120 -28.55 -0.02 -30.22
N ILE A 121 -27.77 -0.86 -29.53
CA ILE A 121 -26.61 -1.53 -30.13
C ILE A 121 -27.04 -2.38 -31.31
N GLN A 122 -28.16 -3.10 -31.14
CA GLN A 122 -28.76 -3.90 -32.19
C GLN A 122 -28.88 -3.15 -33.51
N GLU A 123 -29.56 -2.01 -33.48
CA GLU A 123 -30.02 -1.47 -34.74
C GLU A 123 -28.94 -0.65 -35.45
N SER A 124 -28.28 0.28 -34.76
CA SER A 124 -27.47 1.22 -35.52
C SER A 124 -26.25 0.53 -36.13
N LYS A 125 -25.72 1.00 -37.21
CA LYS A 125 -24.90 0.24 -38.13
C LYS A 125 -23.40 0.42 -37.91
N GLU A 126 -23.00 1.16 -36.89
CA GLU A 126 -21.59 1.12 -36.50
C GLU A 126 -21.30 -0.24 -35.86
N THR A 127 -20.16 -0.83 -36.23
CA THR A 127 -19.68 -2.01 -35.53
C THR A 127 -19.25 -1.58 -34.14
N ILE A 128 -19.88 -2.12 -33.12
CA ILE A 128 -19.80 -1.55 -31.79
C ILE A 128 -19.26 -2.59 -30.82
N ILE A 129 -18.23 -2.22 -30.09
CA ILE A 129 -17.66 -3.06 -29.04
C ILE A 129 -18.08 -2.48 -27.70
N LEU A 130 -18.78 -3.30 -26.94
CA LEU A 130 -19.27 -2.87 -25.63
C LEU A 130 -18.28 -3.31 -24.56
N PHE A 131 -17.80 -2.35 -23.78
CA PHE A 131 -17.00 -2.63 -22.60
C PHE A 131 -17.90 -2.51 -21.37
N VAL A 132 -17.91 -3.54 -20.53
CA VAL A 132 -18.66 -3.51 -19.28
C VAL A 132 -17.67 -3.82 -18.15
N ASP A 133 -17.24 -2.79 -17.44
CA ASP A 133 -16.42 -2.98 -16.24
C ASP A 133 -17.29 -3.58 -15.14
N GLU A 134 -16.65 -4.32 -14.23
CA GLU A 134 -17.35 -4.99 -13.13
C GLU A 134 -18.52 -5.81 -13.67
N ILE A 135 -18.21 -6.64 -14.67
CA ILE A 135 -19.23 -7.39 -15.39
C ILE A 135 -19.94 -8.41 -14.51
N HIS A 136 -19.34 -8.80 -13.38
CA HIS A 136 -20.00 -9.72 -12.45
C HIS A 136 -21.28 -9.13 -11.88
N LEU A 137 -21.42 -7.80 -11.86
CA LEU A 137 -22.66 -7.19 -11.38
C LEU A 137 -23.84 -7.49 -12.30
N LEU A 138 -23.57 -7.91 -13.54
CA LEU A 138 -24.63 -8.28 -14.47
C LEU A 138 -25.08 -9.72 -14.31
N MET A 139 -24.30 -10.55 -13.61
CA MET A 139 -24.65 -11.93 -13.33
C MET A 139 -25.39 -12.10 -12.01
N GLY A 140 -25.95 -11.03 -11.46
CA GLY A 140 -26.65 -11.12 -10.19
C GLY A 140 -25.72 -10.96 -8.99
N LEU A 155 -29.55 -9.04 -18.20
CA LEU A 155 -28.70 -10.13 -17.75
C LEU A 155 -28.17 -10.96 -18.90
N LYS A 156 -29.03 -11.21 -19.90
CA LYS A 156 -28.77 -12.15 -20.99
C LYS A 156 -28.49 -11.40 -22.28
N PRO A 157 -27.22 -11.04 -22.58
CA PRO A 157 -26.87 -10.46 -23.88
C PRO A 157 -26.44 -11.51 -24.89
N MET A 158 -27.29 -12.52 -25.09
CA MET A 158 -26.98 -13.63 -25.99
C MET A 158 -27.07 -13.20 -27.44
N LEU A 159 -26.62 -11.98 -27.74
CA LEU A 159 -26.60 -11.47 -29.11
C LEU A 159 -25.34 -11.94 -29.81
N ALA A 160 -24.86 -13.12 -29.45
CA ALA A 160 -23.65 -13.76 -29.94
C ALA A 160 -23.80 -14.29 -31.36
N ARG A 161 -24.86 -13.91 -32.07
CA ARG A 161 -24.92 -14.09 -33.51
C ARG A 161 -23.70 -13.47 -34.19
N GLY A 162 -23.09 -12.49 -33.53
CA GLY A 162 -22.10 -11.62 -34.15
C GLY A 162 -22.66 -10.22 -34.20
N GLN A 163 -23.56 -9.93 -33.26
CA GLN A 163 -24.20 -8.63 -33.18
C GLN A 163 -23.37 -7.64 -32.37
N LEU A 164 -22.90 -8.18 -31.16
CA LEU A 164 -22.09 -7.31 -30.34
C LEU A 164 -20.82 -7.95 -29.90
N HIS A 165 -19.80 -7.16 -29.86
CA HIS A 165 -18.54 -7.64 -29.32
C HIS A 165 -18.43 -7.06 -27.92
N CYS A 166 -18.05 -7.88 -26.96
CA CYS A 166 -18.05 -7.45 -25.57
C CYS A 166 -16.66 -7.59 -24.96
N ILE A 167 -16.27 -6.60 -24.17
CA ILE A 167 -15.07 -6.67 -23.34
C ILE A 167 -15.52 -6.58 -21.89
N GLY A 168 -15.21 -7.61 -21.11
CA GLY A 168 -15.59 -7.59 -19.71
C GLY A 168 -14.40 -7.38 -18.80
N ALA A 169 -14.66 -6.89 -17.59
CA ALA A 169 -13.63 -6.75 -16.56
C ALA A 169 -14.20 -7.15 -15.22
N THR A 170 -13.40 -7.86 -14.42
CA THR A 170 -13.79 -8.28 -13.08
C THR A 170 -12.54 -8.78 -12.36
N THR A 171 -12.71 -9.09 -11.07
CA THR A 171 -11.64 -9.70 -10.30
C THR A 171 -11.70 -11.22 -10.40
N LEU A 172 -10.60 -11.88 -10.01
CA LEU A 172 -10.55 -13.33 -10.12
C LEU A 172 -11.56 -14.00 -9.21
N ALA A 173 -11.71 -13.51 -7.98
CA ALA A 173 -12.66 -14.13 -7.05
C ALA A 173 -14.08 -13.99 -7.57
N GLU A 174 -14.43 -12.80 -8.08
CA GLU A 174 -15.79 -12.61 -8.55
C GLU A 174 -16.01 -13.28 -9.89
N TYR A 175 -14.96 -13.44 -10.69
CA TYR A 175 -15.07 -14.26 -11.88
C TYR A 175 -15.35 -15.70 -11.51
N ARG A 176 -14.76 -16.18 -10.41
CA ARG A 176 -14.98 -17.57 -9.99
C ARG A 176 -16.37 -17.76 -9.39
N LYS A 177 -16.81 -16.80 -8.58
CA LYS A 177 -18.04 -16.95 -7.81
C LYS A 177 -19.30 -16.52 -8.56
N TYR A 178 -19.16 -15.75 -9.61
CA TYR A 178 -20.35 -15.24 -10.29
C TYR A 178 -20.33 -15.46 -11.79
N ILE A 179 -19.14 -15.43 -12.42
CA ILE A 179 -19.04 -15.63 -13.86
C ILE A 179 -18.80 -17.09 -14.22
N GLU A 180 -17.95 -17.78 -13.44
CA GLU A 180 -17.63 -19.17 -13.74
C GLU A 180 -18.80 -20.12 -13.51
N LYS A 181 -19.87 -19.66 -12.86
CA LYS A 181 -21.02 -20.48 -12.54
C LYS A 181 -22.12 -20.38 -13.58
N ASP A 182 -21.81 -19.87 -14.78
CA ASP A 182 -22.71 -19.88 -15.93
C ASP A 182 -21.80 -20.17 -17.12
N ALA A 183 -21.46 -21.46 -17.29
CA ALA A 183 -20.50 -21.87 -18.30
C ALA A 183 -20.88 -21.33 -19.69
N ALA A 184 -22.08 -21.68 -20.16
CA ALA A 184 -22.54 -21.32 -21.50
C ALA A 184 -22.24 -19.87 -21.84
N PHE A 185 -22.48 -18.98 -20.87
CA PHE A 185 -22.14 -17.57 -21.05
C PHE A 185 -20.63 -17.35 -20.98
N GLU A 186 -19.93 -18.06 -20.09
CA GLU A 186 -18.50 -17.83 -19.92
C GLU A 186 -17.70 -18.27 -21.15
N ARG A 187 -18.03 -19.43 -21.72
CA ARG A 187 -17.18 -20.03 -22.74
C ARG A 187 -16.99 -19.12 -23.95
N ARG A 188 -17.88 -18.16 -24.15
CA ARG A 188 -17.73 -17.21 -25.25
C ARG A 188 -16.77 -16.08 -24.92
N PHE A 189 -16.20 -16.06 -23.72
CA PHE A 189 -15.15 -15.15 -23.32
C PHE A 189 -13.83 -15.91 -23.20
N GLN A 190 -12.73 -15.18 -23.30
CA GLN A 190 -11.38 -15.73 -23.14
C GLN A 190 -10.66 -14.91 -22.09
N GLN A 191 -10.15 -15.58 -21.06
CA GLN A 191 -9.53 -14.87 -19.95
C GLN A 191 -8.28 -14.14 -20.39
N VAL A 192 -8.09 -12.94 -19.86
CA VAL A 192 -6.86 -12.17 -20.00
C VAL A 192 -6.44 -11.77 -18.59
N LEU A 193 -5.41 -12.42 -18.06
CA LEU A 193 -4.92 -12.10 -16.73
C LEU A 193 -4.12 -10.81 -16.77
N VAL A 194 -4.51 -9.86 -15.93
CA VAL A 194 -3.83 -8.58 -15.80
C VAL A 194 -3.16 -8.55 -14.42
N LYS A 195 -1.88 -8.91 -14.38
CA LYS A 195 -1.15 -8.95 -13.12
C LYS A 195 -0.87 -7.54 -12.61
N GLU A 196 -0.53 -7.45 -11.31
CA GLU A 196 -0.22 -6.14 -10.73
C GLU A 196 1.18 -5.70 -11.13
N PRO A 197 1.37 -4.43 -11.49
CA PRO A 197 2.69 -3.97 -11.90
C PRO A 197 3.71 -4.06 -10.77
N SER A 198 4.97 -4.20 -11.16
CA SER A 198 6.07 -4.04 -10.22
C SER A 198 6.18 -2.58 -9.79
N ILE A 199 6.90 -2.35 -8.69
CA ILE A 199 7.23 -0.97 -8.30
C ILE A 199 7.92 -0.26 -9.46
N THR A 200 8.95 -0.89 -10.01
CA THR A 200 9.63 -0.35 -11.19
C THR A 200 8.64 -0.05 -12.31
N GLU A 201 7.73 -1.00 -12.60
CA GLU A 201 6.71 -0.74 -13.62
C GLU A 201 5.79 0.39 -13.20
N THR A 202 5.56 0.55 -11.89
CA THR A 202 4.65 1.59 -11.42
C THR A 202 5.23 2.99 -11.61
N ILE A 203 6.52 3.18 -11.37
CA ILE A 203 7.06 4.53 -11.56
C ILE A 203 7.10 4.89 -13.03
N SER A 204 7.31 3.92 -13.92
CA SER A 204 7.20 4.23 -15.35
C SER A 204 5.81 4.75 -15.67
N ILE A 205 4.77 4.17 -15.04
CA ILE A 205 3.43 4.67 -15.23
C ILE A 205 3.30 6.10 -14.69
N LEU A 206 3.76 6.31 -13.45
CA LEU A 206 3.67 7.64 -12.85
C LEU A 206 4.49 8.65 -13.63
N ARG A 207 5.69 8.26 -14.06
CA ARG A 207 6.49 9.16 -14.89
C ARG A 207 5.77 9.54 -16.18
N GLY A 208 5.14 8.56 -16.84
CA GLY A 208 4.40 8.86 -18.05
C GLY A 208 3.17 9.72 -17.79
N LEU A 209 2.57 9.58 -16.60
CA LEU A 209 1.41 10.39 -16.26
C LEU A 209 1.78 11.74 -15.69
N LYS A 210 3.08 11.97 -15.44
CA LYS A 210 3.52 13.13 -14.65
C LYS A 210 3.01 14.44 -15.25
N GLU A 211 3.21 14.65 -16.54
CA GLU A 211 2.86 15.94 -17.14
C GLU A 211 1.35 16.16 -17.12
N LYS A 212 0.56 15.11 -17.30
CA LYS A 212 -0.89 15.26 -17.29
C LYS A 212 -1.38 15.76 -15.94
N TYR A 213 -0.87 15.17 -14.84
CA TYR A 213 -1.27 15.60 -13.51
C TYR A 213 -0.62 16.92 -13.10
N GLU A 214 0.48 17.32 -13.74
CA GLU A 214 1.03 18.65 -13.50
C GLU A 214 0.11 19.73 -14.04
N VAL A 215 -0.26 19.62 -15.31
CA VAL A 215 -1.11 20.62 -15.93
C VAL A 215 -2.50 20.61 -15.32
N HIS A 216 -2.99 19.44 -14.89
CA HIS A 216 -4.37 19.33 -14.41
C HIS A 216 -4.58 20.08 -13.10
N HIS A 217 -3.75 19.80 -12.10
CA HIS A 217 -3.85 20.51 -10.83
C HIS A 217 -3.13 21.86 -10.84
N GLY A 218 -2.34 22.14 -11.87
CA GLY A 218 -1.62 23.39 -11.93
C GLY A 218 -0.46 23.48 -10.98
N VAL A 219 0.22 22.36 -10.73
CA VAL A 219 1.38 22.33 -9.84
C VAL A 219 2.48 21.51 -10.51
N ASN A 220 3.63 21.45 -9.85
CA ASN A 220 4.77 20.70 -10.34
C ASN A 220 4.96 19.45 -9.50
N ILE A 221 5.50 18.40 -10.13
CA ILE A 221 5.67 17.11 -9.47
C ILE A 221 7.12 16.67 -9.63
N ALA A 222 7.83 16.55 -8.52
CA ALA A 222 9.20 16.10 -8.52
C ALA A 222 9.26 14.59 -8.74
N ASP A 223 10.35 14.14 -9.38
CA ASP A 223 10.49 12.72 -9.63
C ASP A 223 10.70 11.94 -8.34
N ALA A 224 11.40 12.52 -7.37
CA ALA A 224 11.63 11.81 -6.12
C ALA A 224 10.34 11.56 -5.36
N ALA A 225 9.32 12.39 -5.59
CA ALA A 225 8.00 12.12 -5.03
C ALA A 225 7.37 10.90 -5.71
N ILE A 226 7.56 10.80 -7.02
CA ILE A 226 7.04 9.66 -7.77
C ILE A 226 7.66 8.37 -7.28
N VAL A 227 8.99 8.34 -7.14
CA VAL A 227 9.65 7.17 -6.57
C VAL A 227 9.18 6.96 -5.14
N ALA A 228 8.91 8.04 -4.41
CA ALA A 228 8.43 7.89 -3.04
C ALA A 228 7.02 7.31 -3.03
N ALA A 229 6.15 7.80 -3.89
CA ALA A 229 4.76 7.33 -3.90
C ALA A 229 4.70 5.84 -4.24
N ALA A 230 5.40 5.42 -5.28
CA ALA A 230 5.38 4.01 -5.67
C ALA A 230 5.92 3.14 -4.55
N ASN A 231 7.09 3.48 -4.03
CA ASN A 231 7.70 2.63 -3.01
C ASN A 231 6.88 2.60 -1.73
N LEU A 232 6.23 3.71 -1.39
CA LEU A 232 5.48 3.75 -0.13
C LEU A 232 4.09 3.14 -0.29
N ALA A 233 3.44 3.36 -1.43
CA ALA A 233 2.14 2.74 -1.66
C ALA A 233 2.24 1.22 -1.55
N ALA A 234 3.27 0.63 -2.17
CA ALA A 234 3.45 -0.81 -2.10
C ALA A 234 3.74 -1.30 -0.69
N ARG A 235 4.47 -0.50 0.09
CA ARG A 235 4.91 -0.94 1.40
C ARG A 235 3.81 -0.75 2.45
N TYR A 236 3.16 0.41 2.46
CA TYR A 236 2.27 0.78 3.56
C TYR A 236 0.79 0.84 3.17
N LEU A 237 0.47 1.06 1.91
CA LEU A 237 -0.93 1.15 1.48
C LEU A 237 -1.41 -0.18 0.89
N THR A 238 -1.15 -1.26 1.62
CA THR A 238 -1.39 -2.61 1.10
C THR A 238 -2.86 -2.89 0.83
N SER A 239 -3.78 -1.99 1.20
CA SER A 239 -5.20 -2.21 1.01
C SER A 239 -5.64 -1.98 -0.44
N ARG A 240 -4.84 -1.29 -1.24
CA ARG A 240 -5.13 -1.01 -2.63
C ARG A 240 -3.93 -1.42 -3.48
N ARG A 241 -4.19 -1.77 -4.74
CA ARG A 241 -3.16 -2.32 -5.60
C ARG A 241 -2.44 -1.22 -6.38
N LEU A 242 -1.19 -1.50 -6.74
CA LEU A 242 -0.48 -0.67 -7.69
C LEU A 242 -1.12 -0.78 -9.07
N PRO A 243 -1.12 0.30 -9.87
CA PRO A 243 -0.53 1.60 -9.53
C PRO A 243 -1.56 2.57 -8.96
N ASP A 244 -2.83 2.15 -8.89
CA ASP A 244 -3.88 3.02 -8.36
C ASP A 244 -3.50 3.60 -7.01
N SER A 245 -2.92 2.78 -6.13
CA SER A 245 -2.55 3.27 -4.80
C SER A 245 -1.49 4.35 -4.88
N ALA A 246 -0.60 4.27 -5.88
CA ALA A 246 0.37 5.34 -6.07
C ALA A 246 -0.23 6.52 -6.82
N VAL A 247 -1.15 6.27 -7.76
CA VAL A 247 -1.80 7.36 -8.46
C VAL A 247 -2.66 8.19 -7.50
N ASP A 248 -3.50 7.52 -6.70
CA ASP A 248 -4.31 8.23 -5.71
C ASP A 248 -3.43 9.03 -4.75
N LEU A 249 -2.24 8.53 -4.46
CA LEU A 249 -1.36 9.19 -3.50
C LEU A 249 -0.78 10.47 -4.07
N ILE A 250 -0.30 10.42 -5.31
CA ILE A 250 0.22 11.64 -5.95
C ILE A 250 -0.90 12.62 -6.22
N ASP A 251 -2.07 12.12 -6.61
CA ASP A 251 -3.20 13.02 -6.90
C ASP A 251 -3.65 13.76 -5.66
N GLU A 252 -3.57 13.12 -4.49
CA GLU A 252 -3.97 13.77 -3.25
C GLU A 252 -2.90 14.77 -2.80
N ALA A 253 -1.63 14.43 -2.98
CA ALA A 253 -0.56 15.38 -2.70
C ALA A 253 -0.67 16.61 -3.59
N ALA A 254 -0.90 16.41 -4.89
CA ALA A 254 -1.06 17.53 -5.79
C ALA A 254 -2.21 18.43 -5.37
N ALA A 255 -3.35 17.83 -5.01
CA ALA A 255 -4.48 18.62 -4.55
C ALA A 255 -4.17 19.34 -3.26
N ALA A 256 -3.30 18.77 -2.42
CA ALA A 256 -2.92 19.44 -1.18
C ALA A 256 -2.02 20.64 -1.45
N VAL A 257 -1.28 20.62 -2.56
CA VAL A 257 -0.44 21.74 -2.94
C VAL A 257 -1.19 22.72 -3.83
N ARG A 258 -2.26 22.27 -4.47
CA ARG A 258 -3.13 23.19 -5.20
C ARG A 258 -3.68 24.27 -4.26
N VAL A 259 -3.91 23.94 -3.00
CA VAL A 259 -4.41 24.92 -2.05
C VAL A 259 -3.28 25.67 -1.34
N ALA A 260 -2.13 25.01 -1.12
CA ALA A 260 -0.98 25.70 -0.55
C ALA A 260 -0.51 26.84 -1.46
N ARG A 261 -0.39 26.58 -2.77
CA ARG A 261 0.10 27.60 -3.69
C ARG A 261 -0.86 28.78 -3.83
N GLU A 262 -2.14 28.58 -3.51
CA GLU A 262 -3.12 29.65 -3.54
C GLU A 262 -3.31 30.31 -2.18
N SER A 263 -2.42 30.03 -1.24
CA SER A 263 -2.42 30.64 0.08
C SER A 263 -1.13 31.42 0.27
N GLN A 264 -1.21 32.56 0.95
CA GLN A 264 -0.01 33.34 1.22
C GLN A 264 0.96 32.52 2.05
N PRO A 265 2.27 32.68 1.84
CA PRO A 265 3.25 32.01 2.69
C PRO A 265 3.05 32.39 4.15
N GLU A 266 3.70 31.63 5.03
CA GLU A 266 3.55 31.85 6.46
C GLU A 266 4.10 33.20 6.89
N ILE A 267 5.23 33.61 6.31
CA ILE A 267 5.86 34.86 6.75
C ILE A 267 5.08 36.08 6.26
N ILE A 268 4.41 35.99 5.11
CA ILE A 268 3.55 37.10 4.70
C ILE A 268 2.34 37.18 5.62
N ASP A 269 1.82 36.03 6.06
CA ASP A 269 0.74 36.03 7.03
C ASP A 269 1.17 36.71 8.32
N SER A 270 2.30 36.28 8.88
CA SER A 270 2.76 36.84 10.16
C SER A 270 3.07 38.32 10.04
N LEU A 271 3.77 38.71 8.97
CA LEU A 271 4.08 40.13 8.78
C LEU A 271 2.81 40.96 8.68
N GLU A 272 1.87 40.53 7.85
CA GLU A 272 0.66 41.32 7.61
C GLU A 272 -0.15 41.51 8.87
N ARG A 273 -0.05 40.58 9.83
CA ARG A 273 -0.85 40.71 11.05
C ARG A 273 -0.18 41.63 12.05
N ARG A 274 1.15 41.55 12.21
CA ARG A 274 1.82 42.52 13.08
C ARG A 274 1.67 43.93 12.53
N LEU A 275 1.69 44.09 11.21
CA LEU A 275 1.46 45.40 10.63
C LEU A 275 0.08 45.93 11.00
N ARG A 276 -0.96 45.12 10.80
CA ARG A 276 -2.30 45.57 11.16
C ARG A 276 -2.42 45.83 12.66
N GLN A 277 -1.68 45.07 13.49
CA GLN A 277 -1.68 45.33 14.92
C GLN A 277 -1.07 46.69 15.24
N LEU A 278 0.11 46.97 14.69
CA LEU A 278 0.77 48.25 14.96
C LEU A 278 -0.08 49.43 14.48
N LYS A 279 -0.81 49.26 13.39
CA LYS A 279 -1.71 50.33 12.96
C LYS A 279 -2.81 50.58 14.00
N ILE A 280 -3.28 49.52 14.66
CA ILE A 280 -4.25 49.70 15.75
C ILE A 280 -3.59 50.45 16.90
N GLU A 281 -2.41 49.99 17.32
CA GLU A 281 -1.71 50.63 18.44
C GLU A 281 -1.37 52.08 18.13
N ILE A 282 -1.06 52.40 16.87
CA ILE A 282 -0.73 53.77 16.50
C ILE A 282 -1.94 54.68 16.67
N HIS A 283 -3.10 54.25 16.18
CA HIS A 283 -4.33 55.03 16.35
C HIS A 283 -4.65 55.25 17.82
N ALA A 284 -4.34 54.26 18.67
CA ALA A 284 -4.67 54.36 20.08
C ALA A 284 -3.68 55.25 20.83
N LEU A 285 -2.38 55.05 20.57
CA LEU A 285 -1.35 55.84 21.23
C LEU A 285 -1.47 57.32 20.91
N SER A 286 -1.90 57.66 19.68
CA SER A 286 -2.02 59.05 19.27
C SER A 286 -3.09 59.82 20.06
N ARG A 287 -3.82 59.15 20.95
CA ARG A 287 -4.84 59.79 21.77
C ARG A 287 -4.35 60.13 23.17
N GLU A 288 -3.52 59.27 23.76
CA GLU A 288 -3.06 59.48 25.12
C GLU A 288 -2.00 60.57 25.17
N LYS A 289 -2.24 61.57 26.02
CA LYS A 289 -1.32 62.70 26.22
C LYS A 289 -0.47 62.41 27.45
N ASP A 290 0.77 61.98 27.23
CA ASP A 290 1.74 61.79 28.31
C ASP A 290 3.11 61.61 27.68
N GLU A 291 4.12 61.52 28.53
CA GLU A 291 5.51 61.53 28.05
C GLU A 291 5.91 60.17 27.47
N ALA A 292 5.44 59.07 28.08
CA ALA A 292 5.88 57.74 27.67
C ALA A 292 5.16 57.26 26.43
N SER A 293 3.91 57.70 26.22
CA SER A 293 3.14 57.26 25.07
C SER A 293 3.72 57.83 23.78
N LYS A 294 4.08 59.10 23.79
CA LYS A 294 4.60 59.73 22.60
C LYS A 294 5.95 59.11 22.18
N ALA A 295 6.78 58.71 23.17
CA ALA A 295 8.09 58.15 22.83
C ALA A 295 7.99 56.77 22.19
N ARG A 296 6.89 56.04 22.43
CA ARG A 296 6.70 54.74 21.78
C ARG A 296 5.74 54.81 20.59
N LEU A 297 4.85 55.81 20.55
CA LEU A 297 4.07 56.03 19.33
C LEU A 297 4.97 56.28 18.14
N ALA A 298 6.03 57.07 18.34
CA ALA A 298 6.99 57.26 17.26
C ALA A 298 7.73 55.96 16.96
N GLN A 299 8.02 55.17 18.00
CA GLN A 299 8.62 53.85 17.79
C GLN A 299 7.65 52.90 17.08
N ALA A 300 6.34 53.03 17.34
CA ALA A 300 5.38 52.17 16.68
C ALA A 300 5.29 52.49 15.19
N LYS A 301 5.33 53.77 14.83
CA LYS A 301 5.34 54.13 13.41
C LYS A 301 6.55 53.53 12.72
N GLN A 302 7.70 53.52 13.40
CA GLN A 302 8.90 52.93 12.83
C GLN A 302 8.75 51.41 12.70
N ASP A 303 8.29 50.76 13.77
CA ASP A 303 8.06 49.32 13.72
C ASP A 303 7.09 48.96 12.62
N ALA A 304 6.01 49.75 12.46
CA ALA A 304 5.13 49.60 11.32
C ALA A 304 5.88 49.75 10.00
N GLN A 305 6.74 50.75 9.91
CA GLN A 305 7.48 50.99 8.68
C GLN A 305 8.48 49.87 8.42
N ASN A 306 9.15 49.37 9.46
CA ASN A 306 10.07 48.25 9.29
C ASN A 306 9.35 47.03 8.74
N VAL A 307 8.20 46.71 9.31
CA VAL A 307 7.40 45.58 8.82
C VAL A 307 7.02 45.80 7.36
N GLU A 308 6.47 46.97 7.06
CA GLU A 308 6.09 47.27 5.68
C GLU A 308 7.29 47.24 4.74
N GLU A 309 8.48 47.54 5.26
CA GLU A 309 9.68 47.49 4.42
C GLU A 309 10.14 46.06 4.16
N GLU A 310 9.83 45.12 5.05
CA GLU A 310 10.12 43.72 4.82
C GLU A 310 9.02 43.02 4.05
N LEU A 311 7.79 43.52 4.18
CA LEU A 311 6.63 42.85 3.64
C LEU A 311 6.43 43.17 2.16
N ARG A 312 6.61 44.43 1.78
CA ARG A 312 6.36 44.81 0.39
C ARG A 312 7.26 44.11 -0.60
N PRO A 313 8.59 44.02 -0.41
CA PRO A 313 9.39 43.20 -1.33
C PRO A 313 8.93 41.76 -1.43
N LEU A 314 8.56 41.14 -0.30
CA LEU A 314 8.16 39.74 -0.33
C LEU A 314 6.80 39.57 -0.97
N ARG A 315 5.79 40.26 -0.46
CA ARG A 315 4.44 40.12 -1.01
C ARG A 315 4.43 40.42 -2.49
N GLU A 316 5.29 41.32 -2.94
CA GLU A 316 5.39 41.62 -4.37
C GLU A 316 6.01 40.45 -5.13
N LYS A 317 7.12 39.90 -4.62
CA LYS A 317 7.77 38.77 -5.28
C LYS A 317 6.83 37.56 -5.35
N TYR A 318 6.01 37.34 -4.31
CA TYR A 318 5.09 36.22 -4.31
C TYR A 318 4.06 36.34 -5.44
N GLU A 319 3.36 37.48 -5.50
CA GLU A 319 2.33 37.65 -6.52
C GLU A 319 2.94 37.71 -7.92
N ARG A 320 4.06 38.39 -8.08
CA ARG A 320 4.82 38.44 -9.33
C ARG A 320 5.03 37.05 -9.88
N GLU A 321 5.24 36.09 -8.98
CA GLU A 321 5.67 34.75 -9.32
C GLU A 321 4.53 33.74 -9.28
N ARG A 322 3.47 33.99 -8.52
CA ARG A 322 2.28 33.17 -8.63
C ARG A 322 1.49 33.51 -9.89
N GLN A 323 1.58 34.76 -10.35
CA GLN A 323 0.94 35.13 -11.61
C GLN A 323 1.62 34.47 -12.80
N ARG A 324 2.92 34.19 -12.68
CA ARG A 324 3.62 33.58 -13.80
C ARG A 324 3.47 32.05 -13.80
N GLY A 325 3.45 31.43 -12.62
CA GLY A 325 3.16 30.01 -12.56
C GLY A 325 1.78 29.68 -13.09
N LYS A 326 0.85 30.63 -12.96
CA LYS A 326 -0.49 30.46 -13.52
C LYS A 326 -0.49 30.74 -15.01
N ALA A 327 0.31 31.72 -15.45
CA ALA A 327 0.44 31.96 -16.89
C ALA A 327 1.09 30.78 -17.58
N ILE A 328 2.07 30.14 -16.92
CA ILE A 328 2.66 28.93 -17.46
C ILE A 328 1.62 27.82 -17.59
N GLN A 329 0.79 27.65 -16.55
CA GLN A 329 -0.10 26.49 -16.54
C GLN A 329 -1.15 26.60 -17.64
N GLU A 330 -1.68 27.80 -17.92
CA GLU A 330 -2.58 27.94 -19.08
C GLU A 330 -1.81 27.86 -20.39
N ALA A 331 -0.59 28.39 -20.42
CA ALA A 331 0.23 28.19 -21.60
C ALA A 331 0.37 26.70 -21.92
N LYS A 332 0.52 25.88 -20.88
CA LYS A 332 0.55 24.43 -21.08
C LYS A 332 -0.80 23.87 -21.52
N MET A 333 -1.90 24.50 -21.09
CA MET A 333 -3.22 23.96 -21.40
C MET A 333 -3.64 24.27 -22.83
N LYS A 334 -3.30 25.46 -23.34
CA LYS A 334 -3.58 25.74 -24.75
C LYS A 334 -2.66 24.94 -25.66
N LEU A 335 -1.42 24.72 -25.25
CA LEU A 335 -0.54 23.83 -26.00
C LEU A 335 -1.17 22.46 -26.17
N GLU A 336 -1.60 21.86 -25.06
CA GLU A 336 -2.22 20.54 -25.13
C GLU A 336 -3.46 20.57 -26.01
N ALA A 337 -4.28 21.61 -25.90
CA ALA A 337 -5.48 21.68 -26.71
C ALA A 337 -5.13 21.82 -28.19
N LEU A 338 -4.07 22.55 -28.50
CA LEU A 338 -3.61 22.65 -29.88
C LEU A 338 -3.19 21.29 -30.41
N ARG A 339 -2.50 20.50 -29.59
CA ARG A 339 -2.05 19.17 -30.03
C ARG A 339 -3.22 18.24 -30.26
N VAL A 340 -4.32 18.40 -29.53
CA VAL A 340 -5.51 17.61 -29.79
C VAL A 340 -6.10 17.98 -31.14
N LYS A 341 -6.28 19.28 -31.39
CA LYS A 341 -6.76 19.73 -32.68
C LYS A 341 -5.81 19.31 -33.80
N ALA A 342 -4.50 19.29 -33.52
CA ALA A 342 -3.54 18.93 -34.56
C ALA A 342 -3.55 17.43 -34.83
N GLU A 343 -3.64 16.61 -33.77
CA GLU A 343 -3.74 15.17 -33.95
C GLU A 343 -5.01 14.80 -34.72
N ASP A 344 -6.10 15.51 -34.47
CA ASP A 344 -7.35 15.19 -35.15
C ASP A 344 -7.35 15.67 -36.59
N ALA A 345 -6.73 16.82 -36.86
CA ALA A 345 -6.59 17.29 -38.23
C ALA A 345 -5.84 16.27 -39.07
N SER A 346 -4.62 15.92 -38.65
CA SER A 346 -3.82 14.94 -39.36
C SER A 346 -4.50 13.58 -39.45
N ARG A 347 -5.42 13.29 -38.52
CA ARG A 347 -6.15 12.03 -38.55
C ARG A 347 -7.25 12.05 -39.62
N MET A 348 -7.88 13.20 -39.81
CA MET A 348 -9.00 13.35 -40.73
C MET A 348 -8.57 13.88 -42.09
N GLY A 349 -7.27 13.90 -42.38
CA GLY A 349 -6.80 14.34 -43.68
C GLY A 349 -6.98 15.81 -43.98
N ASP A 350 -7.20 16.65 -42.96
CA ASP A 350 -7.25 18.10 -43.15
C ASP A 350 -5.83 18.64 -43.00
N HIS A 351 -5.08 18.60 -44.11
CA HIS A 351 -3.71 19.06 -44.06
C HIS A 351 -3.59 20.58 -43.96
N SER A 352 -4.65 21.31 -44.32
CA SER A 352 -4.63 22.76 -44.19
C SER A 352 -4.53 23.15 -42.71
N ARG A 353 -5.52 22.75 -41.91
CA ARG A 353 -5.49 23.08 -40.49
C ARG A 353 -4.35 22.37 -39.76
N ALA A 354 -4.01 21.16 -40.18
CA ALA A 354 -2.89 20.46 -39.55
C ALA A 354 -1.58 21.20 -39.74
N ALA A 355 -1.43 21.93 -40.85
CA ALA A 355 -0.23 22.72 -41.05
C ALA A 355 -0.26 24.00 -40.23
N ASP A 356 -1.39 24.64 -40.04
CA ASP A 356 -1.55 25.78 -39.14
C ASP A 356 -0.95 25.47 -37.77
N LEU A 357 -1.45 24.39 -37.14
CA LEU A 357 -1.09 24.05 -35.78
C LEU A 357 0.33 23.47 -35.68
N GLN A 358 0.67 22.49 -36.50
CA GLN A 358 1.94 21.79 -36.32
C GLN A 358 3.15 22.67 -36.61
N TYR A 359 2.99 23.72 -37.39
CA TYR A 359 4.12 24.50 -37.86
C TYR A 359 4.12 25.92 -37.32
N TYR A 360 2.97 26.45 -36.94
CA TYR A 360 2.89 27.83 -36.49
C TYR A 360 2.30 27.96 -35.09
N ALA A 361 1.05 27.53 -34.87
CA ALA A 361 0.43 27.69 -33.56
C ALA A 361 1.23 26.99 -32.46
N ILE A 362 1.50 25.71 -32.65
CA ILE A 362 2.14 24.94 -31.58
C ILE A 362 3.55 25.41 -31.27
N PRO A 363 4.44 25.65 -32.25
CA PRO A 363 5.77 26.16 -31.87
C PRO A 363 5.73 27.57 -31.33
N GLU A 364 4.76 28.40 -31.74
CA GLU A 364 4.60 29.71 -31.11
C GLU A 364 4.17 29.55 -29.65
N GLN A 365 3.41 28.54 -29.40
CA GLN A 365 3.03 28.25 -28.02
C GLN A 365 4.21 27.68 -27.24
N GLU A 366 4.82 26.69 -27.79
CA GLU A 366 5.99 26.10 -27.12
C GLU A 366 7.06 27.15 -26.82
N ALA A 367 7.22 28.14 -27.69
CA ALA A 367 8.18 29.20 -27.44
C ALA A 367 7.76 30.07 -26.27
N ILE A 368 6.46 30.27 -26.08
CA ILE A 368 5.97 31.02 -24.94
C ILE A 368 6.25 30.28 -23.64
N ILE A 369 6.06 28.97 -23.62
CA ILE A 369 6.33 28.20 -22.40
C ILE A 369 7.83 28.18 -22.11
N LYS A 370 8.66 28.01 -23.14
CA LYS A 370 10.10 27.98 -22.93
C LYS A 370 10.60 29.26 -22.27
N ARG A 371 10.06 30.41 -22.69
CA ARG A 371 10.52 31.68 -22.15
C ARG A 371 9.97 31.92 -20.75
N LEU A 372 8.67 31.68 -20.55
CA LEU A 372 8.07 31.86 -19.23
C LEU A 372 8.69 30.93 -18.20
N GLU A 373 9.07 29.72 -18.62
CA GLU A 373 9.68 28.77 -17.69
C GLU A 373 11.14 29.12 -17.43
N ALA A 374 11.86 29.58 -18.45
CA ALA A 374 13.28 29.90 -18.28
C ALA A 374 13.45 31.05 -17.29
N GLU A 375 12.60 32.08 -17.39
CA GLU A 375 12.66 33.15 -16.41
C GLU A 375 12.16 32.69 -15.04
N LYS A 376 11.35 31.62 -14.99
CA LYS A 376 10.80 31.17 -13.71
C LYS A 376 11.88 30.71 -12.74
N ALA A 377 12.73 29.77 -13.19
CA ALA A 377 13.85 29.36 -12.34
C ALA A 377 14.85 30.49 -12.17
N ALA A 378 14.96 31.37 -13.18
CA ALA A 378 15.93 32.47 -13.11
C ALA A 378 15.51 33.54 -12.12
N ALA A 379 14.21 33.74 -11.92
CA ALA A 379 13.74 34.73 -10.96
C ALA A 379 14.20 34.39 -9.55
N ASP A 380 13.73 33.25 -9.03
CA ASP A 380 14.15 32.76 -7.72
C ASP A 380 13.91 33.77 -6.61
N SER A 393 10.61 28.77 3.49
CA SER A 393 10.35 28.60 2.07
C SER A 393 9.19 29.48 1.63
N MET A 394 9.01 29.61 0.32
CA MET A 394 7.95 30.45 -0.24
C MET A 394 7.38 29.77 -1.48
N ILE A 395 6.19 30.27 -1.88
CA ILE A 395 5.39 29.79 -3.00
C ILE A 395 5.54 28.28 -3.18
N THR A 396 4.91 27.51 -2.29
CA THR A 396 4.98 26.06 -2.37
C THR A 396 4.02 25.58 -3.45
N ASP A 397 4.56 25.27 -4.63
CA ASP A 397 3.76 24.74 -5.73
C ASP A 397 4.37 23.46 -6.30
N VAL A 398 4.98 22.65 -5.44
CA VAL A 398 5.72 21.46 -5.87
C VAL A 398 5.33 20.29 -4.98
N VAL A 399 5.07 19.14 -5.61
CA VAL A 399 4.86 17.89 -4.89
C VAL A 399 6.22 17.26 -4.65
N GLY A 400 6.67 17.27 -3.40
CA GLY A 400 7.93 16.66 -3.03
C GLY A 400 7.74 15.42 -2.17
N PRO A 401 8.84 14.67 -1.95
CA PRO A 401 8.77 13.50 -1.07
C PRO A 401 8.20 13.78 0.31
N ASP A 402 8.35 15.01 0.81
CA ASP A 402 7.75 15.36 2.09
C ASP A 402 6.23 15.37 1.99
N GLN A 403 5.69 15.96 0.92
CA GLN A 403 4.24 15.97 0.74
C GLN A 403 3.70 14.54 0.59
N ILE A 404 4.49 13.64 0.00
CA ILE A 404 4.05 12.25 -0.11
C ILE A 404 4.09 11.58 1.26
N ASN A 405 5.19 11.79 2.00
CA ASN A 405 5.31 11.17 3.31
C ASN A 405 4.28 11.70 4.28
N GLU A 406 3.87 12.96 4.13
CA GLU A 406 2.85 13.52 5.01
C GLU A 406 1.47 12.97 4.66
N ILE A 407 1.13 12.92 3.37
CA ILE A 407 -0.17 12.40 2.97
C ILE A 407 -0.34 10.97 3.44
N VAL A 408 0.68 10.14 3.24
CA VAL A 408 0.62 8.75 3.68
C VAL A 408 0.43 8.68 5.18
N ALA A 409 1.20 9.49 5.93
CA ALA A 409 1.13 9.47 7.38
C ALA A 409 -0.29 9.72 7.89
N ARG A 410 -0.99 10.68 7.29
CA ARG A 410 -2.38 10.93 7.66
C ARG A 410 -3.25 9.71 7.39
N TRP A 411 -3.09 9.10 6.21
CA TRP A 411 -3.88 7.91 5.86
C TRP A 411 -3.49 6.72 6.73
N THR A 412 -2.19 6.45 6.83
CA THR A 412 -1.73 5.26 7.53
C THR A 412 -1.66 5.42 9.04
N GLY A 413 -1.66 6.66 9.55
CA GLY A 413 -1.55 6.87 10.97
C GLY A 413 -0.18 6.64 11.55
N ILE A 414 0.83 6.41 10.72
CA ILE A 414 2.22 6.28 11.16
C ILE A 414 2.80 7.68 11.29
N PRO A 415 3.56 7.98 12.35
CA PRO A 415 4.18 9.30 12.45
C PRO A 415 5.08 9.58 11.25
N VAL A 416 5.06 10.83 10.80
CA VAL A 416 5.87 11.23 9.65
C VAL A 416 7.35 10.96 9.90
N THR A 417 7.79 11.01 11.16
CA THR A 417 9.20 10.83 11.47
C THR A 417 9.67 9.42 11.12
N ARG A 418 8.80 8.42 11.24
CA ARG A 418 9.19 7.05 10.95
C ARG A 418 9.21 6.75 9.45
N LEU A 419 8.57 7.58 8.63
CA LEU A 419 8.58 7.36 7.20
C LEU A 419 9.72 8.09 6.49
N LYS A 420 10.36 9.07 7.14
CA LYS A 420 11.45 9.79 6.48
C LYS A 420 12.77 9.06 6.61
N THR A 421 12.90 8.21 7.62
CA THR A 421 14.14 7.46 7.83
C THR A 421 14.40 6.52 6.67
N SER A 422 15.60 6.59 6.10
CA SER A 422 15.94 5.79 4.94
C SER A 422 15.96 4.30 5.30
N GLU A 423 15.53 3.48 4.34
CA GLU A 423 15.58 2.03 4.54
C GLU A 423 16.99 1.57 4.92
N LYS A 424 18.00 2.19 4.32
CA LYS A 424 19.39 1.82 4.61
C LYS A 424 19.74 2.05 6.07
N GLU A 425 19.16 3.07 6.71
CA GLU A 425 19.48 3.33 8.10
C GLU A 425 18.90 2.25 9.01
N LYS A 426 17.63 1.91 8.82
CA LYS A 426 17.01 0.85 9.62
C LYS A 426 17.79 -0.45 9.50
N LEU A 427 18.11 -0.84 8.26
CA LEU A 427 18.72 -2.14 8.03
C LEU A 427 20.12 -2.25 8.65
N LEU A 428 20.82 -1.13 8.79
CA LEU A 428 22.16 -1.17 9.36
C LEU A 428 22.12 -1.41 10.86
N HIS A 429 21.06 -0.95 11.55
CA HIS A 429 20.87 -1.21 12.96
C HIS A 429 19.70 -2.16 13.21
N MET A 430 19.50 -3.11 12.29
CA MET A 430 18.37 -4.03 12.41
C MET A 430 18.48 -4.91 13.64
N GLU A 431 19.68 -5.42 13.93
CA GLU A 431 19.87 -6.21 15.14
C GLU A 431 19.51 -5.41 16.38
N GLN A 432 19.79 -4.11 16.38
CA GLN A 432 19.42 -3.27 17.50
C GLN A 432 17.91 -3.23 17.67
N ALA A 433 17.18 -3.02 16.57
CA ALA A 433 15.73 -2.81 16.67
C ALA A 433 14.99 -4.07 17.08
N LEU A 434 15.41 -5.23 16.56
CA LEU A 434 14.73 -6.48 16.92
C LEU A 434 15.06 -6.90 18.35
N SER A 435 16.28 -6.68 18.79
CA SER A 435 16.70 -7.12 20.11
C SER A 435 15.97 -6.42 21.24
N LYS A 436 15.30 -5.30 20.97
CA LYS A 436 14.43 -4.67 21.95
C LYS A 436 13.15 -5.47 22.18
N ILE A 437 12.87 -6.44 21.33
CA ILE A 437 11.67 -7.26 21.44
C ILE A 437 12.02 -8.71 21.74
N VAL A 438 13.03 -9.24 21.08
CA VAL A 438 13.40 -10.65 21.19
C VAL A 438 14.68 -10.75 22.00
N VAL A 439 14.60 -11.41 23.16
CA VAL A 439 15.71 -11.60 24.07
C VAL A 439 16.30 -13.00 23.86
N GLY A 440 17.62 -13.11 24.01
CA GLY A 440 18.25 -14.41 24.06
C GLY A 440 18.28 -15.22 22.77
N GLN A 441 18.12 -14.58 21.63
CA GLN A 441 18.23 -15.26 20.34
C GLN A 441 19.10 -14.46 19.41
N LYS A 442 20.26 -14.04 19.91
CA LYS A 442 21.16 -13.19 19.14
C LYS A 442 21.57 -13.86 17.83
N GLU A 443 21.83 -15.17 17.87
CA GLU A 443 22.16 -15.87 16.63
C GLU A 443 20.99 -15.84 15.65
N ALA A 444 19.76 -15.83 16.15
CA ALA A 444 18.61 -15.77 15.25
C ALA A 444 18.45 -14.37 14.68
N VAL A 445 18.58 -13.34 15.51
CA VAL A 445 18.39 -11.97 15.06
C VAL A 445 19.43 -11.62 14.00
N GLN A 446 20.65 -12.12 14.17
CA GLN A 446 21.70 -11.84 13.20
C GLN A 446 21.41 -12.50 11.86
N SER A 447 20.87 -13.72 11.87
CA SER A 447 20.54 -14.42 10.64
C SER A 447 19.43 -13.69 9.87
N VAL A 448 18.35 -13.34 10.55
CA VAL A 448 17.28 -12.58 9.89
C VAL A 448 17.82 -11.28 9.34
N SER A 449 18.62 -10.57 10.14
CA SER A 449 19.13 -9.26 9.72
C SER A 449 20.06 -9.37 8.53
N ASN A 450 20.93 -10.38 8.52
CA ASN A 450 21.85 -10.54 7.40
C ASN A 450 21.11 -10.89 6.12
N ALA A 451 20.10 -11.75 6.20
CA ALA A 451 19.38 -12.16 4.99
C ALA A 451 18.66 -10.97 4.37
N ILE A 452 18.00 -10.15 5.19
CA ILE A 452 17.31 -8.99 4.66
C ILE A 452 18.31 -8.00 4.04
N ARG A 453 19.45 -7.81 4.69
CA ARG A 453 20.47 -6.91 4.13
C ARG A 453 21.01 -7.45 2.82
N LEU A 454 21.08 -8.77 2.67
CA LEU A 454 21.57 -9.34 1.42
C LEU A 454 20.64 -9.02 0.25
N GLN A 455 19.36 -8.80 0.50
CA GLN A 455 18.41 -8.61 -0.59
C GLN A 455 18.15 -7.15 -0.93
N ARG A 456 18.19 -6.23 0.04
CA ARG A 456 18.10 -4.81 -0.31
C ARG A 456 19.38 -4.33 -0.96
N SER A 457 20.52 -4.96 -0.66
CA SER A 457 21.77 -4.64 -1.32
C SER A 457 21.96 -5.39 -2.63
N GLY A 458 21.04 -6.25 -3.01
CA GLY A 458 21.05 -6.83 -4.34
C GLY A 458 21.95 -8.02 -4.54
N LEU A 459 22.34 -8.71 -3.47
CA LEU A 459 23.24 -9.85 -3.60
C LEU A 459 22.53 -11.19 -3.54
N SER A 460 21.25 -11.21 -3.21
CA SER A 460 20.49 -12.45 -3.21
C SER A 460 19.68 -12.56 -4.50
N ASN A 461 19.33 -13.80 -4.85
CA ASN A 461 18.53 -14.08 -6.03
C ASN A 461 17.28 -13.21 -6.03
N PRO A 462 17.06 -12.40 -7.08
CA PRO A 462 15.87 -11.54 -7.12
C PRO A 462 14.58 -12.29 -7.44
N ASN A 463 14.67 -13.57 -7.79
CA ASN A 463 13.50 -14.40 -8.06
C ASN A 463 13.15 -15.31 -6.88
N GLN A 464 13.92 -15.25 -5.80
CA GLN A 464 13.67 -16.06 -4.60
C GLN A 464 13.37 -15.14 -3.43
N PRO A 465 12.23 -15.28 -2.77
CA PRO A 465 11.99 -14.51 -1.57
C PRO A 465 12.82 -15.04 -0.43
N PRO A 466 13.22 -14.20 0.52
CA PRO A 466 13.90 -14.69 1.72
C PRO A 466 13.03 -15.72 2.43
N SER A 467 13.64 -16.84 2.81
CA SER A 467 12.91 -17.93 3.44
C SER A 467 13.62 -18.32 4.73
N PHE A 468 12.84 -18.61 5.77
CA PHE A 468 13.40 -18.95 7.06
C PHE A 468 12.68 -20.15 7.65
N LEU A 469 13.46 -21.03 8.28
CA LEU A 469 12.91 -22.09 9.11
C LEU A 469 13.39 -21.82 10.53
N PHE A 470 12.47 -21.40 11.41
CA PHE A 470 12.78 -21.23 12.82
C PHE A 470 12.60 -22.56 13.52
N CYS A 471 13.64 -23.00 14.23
CA CYS A 471 13.66 -24.29 14.90
C CYS A 471 14.03 -24.07 16.36
N GLY A 472 13.25 -24.65 17.26
CA GLY A 472 13.52 -24.51 18.68
C GLY A 472 12.31 -24.70 19.54
N PRO A 473 12.51 -24.74 20.86
CA PRO A 473 11.41 -25.06 21.79
C PRO A 473 10.32 -24.00 21.78
N SER A 474 9.13 -24.42 22.20
CA SER A 474 8.00 -23.50 22.29
C SER A 474 8.33 -22.34 23.23
N GLY A 475 7.75 -21.19 22.95
CA GLY A 475 7.89 -20.04 23.81
C GLY A 475 9.31 -19.52 23.91
N THR A 476 10.10 -19.68 22.85
CA THR A 476 11.46 -19.15 22.83
C THR A 476 11.62 -17.90 21.98
N GLY A 477 10.64 -17.58 21.14
CA GLY A 477 10.69 -16.34 20.38
C GLY A 477 10.44 -16.48 18.89
N LYS A 478 10.16 -17.70 18.42
CA LYS A 478 10.04 -17.95 16.99
C LYS A 478 8.92 -17.10 16.38
N THR A 479 7.71 -17.21 16.92
CA THR A 479 6.62 -16.37 16.43
C THR A 479 6.86 -14.90 16.74
N LEU A 480 7.43 -14.60 17.91
CA LEU A 480 7.60 -13.21 18.30
C LEU A 480 8.58 -12.49 17.38
N LEU A 481 9.70 -13.13 17.06
CA LEU A 481 10.64 -12.56 16.10
C LEU A 481 9.97 -12.25 14.77
N THR A 482 9.07 -13.12 14.32
CA THR A 482 8.37 -12.87 13.06
C THR A 482 7.45 -11.66 13.17
N LYS A 483 6.79 -11.49 14.33
CA LYS A 483 6.00 -10.28 14.55
C LYS A 483 6.89 -9.04 14.58
N ALA A 484 8.05 -9.13 15.23
CA ALA A 484 8.94 -7.98 15.30
C ALA A 484 9.46 -7.64 13.91
N LEU A 485 9.73 -8.66 13.09
CA LEU A 485 10.11 -8.41 11.70
C LEU A 485 9.00 -7.69 10.95
N ALA A 486 7.75 -8.14 11.12
CA ALA A 486 6.62 -7.47 10.47
C ALA A 486 6.54 -6.01 10.87
N GLU A 487 6.60 -5.73 12.18
CA GLU A 487 6.49 -4.33 12.63
C GLU A 487 7.73 -3.53 12.31
N PHE A 488 8.88 -4.17 12.12
CA PHE A 488 10.07 -3.42 11.71
C PHE A 488 10.05 -3.09 10.22
N LEU A 489 9.63 -4.04 9.38
CA LEU A 489 9.70 -3.82 7.94
C LEU A 489 8.51 -3.03 7.43
N PHE A 490 7.33 -3.25 7.99
CA PHE A 490 6.12 -2.62 7.49
C PHE A 490 5.37 -1.83 8.55
N ASP A 491 5.92 -1.72 9.77
CA ASP A 491 5.31 -0.91 10.84
C ASP A 491 3.84 -1.24 11.00
N ASP A 492 3.53 -2.54 11.02
CA ASP A 492 2.15 -3.01 11.08
C ASP A 492 2.12 -4.52 11.34
N PRO A 493 1.53 -4.96 12.45
CA PRO A 493 1.39 -6.41 12.66
C PRO A 493 0.56 -7.11 11.60
N LYS A 494 -0.36 -6.39 10.94
CA LYS A 494 -1.19 -6.97 9.90
C LYS A 494 -0.37 -7.38 8.67
N SER A 495 0.84 -6.88 8.53
CA SER A 495 1.66 -7.24 7.37
C SER A 495 2.05 -8.71 7.36
N MET A 496 1.87 -9.43 8.46
CA MET A 496 2.11 -10.86 8.48
C MET A 496 0.79 -11.60 8.37
N ILE A 497 0.81 -12.75 7.71
CA ILE A 497 -0.35 -13.60 7.52
C ILE A 497 0.01 -15.00 8.01
N ARG A 498 -0.84 -15.57 8.86
CA ARG A 498 -0.49 -16.78 9.60
C ARG A 498 -1.22 -17.98 9.01
N PHE A 499 -0.46 -19.02 8.71
CA PHE A 499 -1.01 -20.29 8.28
C PHE A 499 -0.60 -21.32 9.32
N ASP A 500 -1.59 -22.00 9.90
CA ASP A 500 -1.32 -23.05 10.87
C ASP A 500 -1.34 -24.38 10.13
N MET A 501 -0.17 -25.02 10.04
CA MET A 501 -0.04 -26.27 9.31
C MET A 501 -0.76 -27.42 9.99
N SER A 502 -1.18 -27.26 11.24
CA SER A 502 -2.03 -28.25 11.88
C SER A 502 -3.36 -28.41 11.16
N GLU A 503 -3.74 -27.44 10.31
CA GLU A 503 -4.95 -27.53 9.50
C GLU A 503 -4.67 -27.89 8.04
N TYR A 504 -3.47 -28.38 7.75
CA TYR A 504 -3.12 -28.82 6.40
C TYR A 504 -2.38 -30.15 6.47
N GLN A 505 -2.86 -31.08 7.30
CA GLN A 505 -2.13 -32.31 7.56
C GLN A 505 -2.40 -33.41 6.55
N GLU A 506 -3.51 -33.36 5.83
CA GLU A 506 -3.88 -34.42 4.90
C GLU A 506 -3.82 -33.90 3.46
N ARG A 507 -3.62 -34.85 2.53
CA ARG A 507 -3.50 -34.50 1.11
C ARG A 507 -4.74 -33.76 0.62
N HIS A 508 -5.90 -34.00 1.24
CA HIS A 508 -7.14 -33.33 0.85
C HIS A 508 -7.06 -31.83 1.05
N SER A 509 -6.21 -31.36 1.96
CA SER A 509 -6.20 -29.97 2.37
C SER A 509 -5.51 -29.04 1.39
N LEU A 510 -4.88 -29.57 0.33
CA LEU A 510 -4.13 -28.71 -0.58
C LEU A 510 -5.03 -27.71 -1.29
N SER A 511 -6.26 -28.12 -1.63
CA SER A 511 -7.20 -27.21 -2.26
C SER A 511 -7.54 -26.02 -1.36
N ARG A 512 -7.50 -26.23 -0.04
CA ARG A 512 -7.62 -25.11 0.89
C ARG A 512 -6.46 -24.14 0.73
N MET A 513 -5.27 -24.66 0.40
CA MET A 513 -4.09 -23.82 0.29
C MET A 513 -4.03 -23.03 -1.01
N ILE A 514 -4.40 -23.64 -2.14
CA ILE A 514 -4.20 -23.01 -3.44
C ILE A 514 -5.46 -22.89 -4.27
N GLY A 515 -6.58 -23.48 -3.84
CA GLY A 515 -7.79 -23.46 -4.65
C GLY A 515 -8.00 -24.78 -5.37
N ALA A 516 -9.02 -24.79 -6.22
CA ALA A 516 -9.44 -26.02 -6.88
C ALA A 516 -10.00 -25.69 -8.26
N PRO A 517 -9.96 -26.64 -9.19
CA PRO A 517 -10.55 -26.40 -10.52
C PRO A 517 -12.06 -26.28 -10.41
N PRO A 518 -12.73 -25.77 -11.44
CA PRO A 518 -14.17 -25.51 -11.33
C PRO A 518 -14.96 -26.77 -11.02
N GLY A 519 -15.94 -26.61 -10.13
CA GLY A 519 -16.80 -27.70 -9.74
C GLY A 519 -16.28 -28.57 -8.62
N TYR A 520 -15.15 -28.22 -8.02
CA TYR A 520 -14.54 -29.07 -6.99
C TYR A 520 -14.86 -28.55 -5.60
N VAL A 521 -14.01 -28.89 -4.64
CA VAL A 521 -14.40 -28.77 -3.24
C VAL A 521 -14.51 -27.31 -2.83
N GLY A 522 -13.41 -26.56 -2.91
CA GLY A 522 -13.40 -25.16 -2.50
C GLY A 522 -12.94 -24.27 -3.63
N HIS A 523 -13.61 -24.41 -4.78
CA HIS A 523 -13.23 -23.65 -5.96
C HIS A 523 -13.43 -22.16 -5.74
N ASP A 524 -14.51 -21.80 -5.05
CA ASP A 524 -14.92 -20.40 -4.93
C ASP A 524 -14.22 -19.67 -3.80
N ALA A 525 -14.01 -20.33 -2.65
CA ALA A 525 -13.20 -19.71 -1.61
C ALA A 525 -11.77 -19.48 -2.08
N GLY A 526 -11.32 -20.23 -3.07
CA GLY A 526 -9.95 -20.14 -3.51
C GLY A 526 -9.02 -20.76 -2.49
N GLY A 527 -7.74 -20.52 -2.70
CA GLY A 527 -6.73 -20.93 -1.75
C GLY A 527 -6.42 -19.83 -0.75
N GLN A 528 -6.04 -20.24 0.46
CA GLN A 528 -5.65 -19.26 1.46
C GLN A 528 -4.33 -18.59 1.07
N LEU A 529 -3.36 -19.38 0.58
CA LEU A 529 -2.06 -18.83 0.21
C LEU A 529 -2.16 -18.02 -1.09
N THR A 530 -2.81 -18.58 -2.11
CA THR A 530 -2.88 -17.89 -3.40
C THR A 530 -3.66 -16.58 -3.28
N GLU A 531 -4.77 -16.60 -2.54
CA GLU A 531 -5.54 -15.37 -2.37
C GLU A 531 -4.76 -14.36 -1.53
N ALA A 532 -3.95 -14.83 -0.58
CA ALA A 532 -3.14 -13.90 0.20
C ALA A 532 -2.07 -13.23 -0.66
N LEU A 533 -1.46 -13.98 -1.59
CA LEU A 533 -0.40 -13.42 -2.41
C LEU A 533 -0.92 -12.39 -3.41
N ARG A 534 -2.15 -12.57 -3.91
CA ARG A 534 -2.69 -11.61 -4.87
C ARG A 534 -3.03 -10.29 -4.19
N ARG A 535 -3.59 -10.34 -2.98
CA ARG A 535 -4.12 -9.14 -2.33
C ARG A 535 -3.15 -8.51 -1.35
N ARG A 536 -2.10 -9.21 -0.93
CA ARG A 536 -1.12 -8.68 0.01
C ARG A 536 0.27 -9.15 -0.40
N PRO A 537 0.78 -8.67 -1.55
CA PRO A 537 2.08 -9.17 -2.03
C PRO A 537 3.23 -8.94 -1.07
N PHE A 538 3.29 -7.78 -0.41
CA PHE A 538 4.43 -7.43 0.43
C PHE A 538 4.15 -7.85 1.87
N SER A 539 4.08 -9.17 2.04
CA SER A 539 3.63 -9.76 3.27
C SER A 539 4.69 -10.71 3.82
N ILE A 540 4.52 -11.05 5.09
CA ILE A 540 5.28 -12.11 5.73
C ILE A 540 4.34 -13.28 5.90
N LEU A 541 4.71 -14.42 5.32
CA LEU A 541 3.90 -15.63 5.40
C LEU A 541 4.50 -16.50 6.48
N LEU A 542 3.75 -16.69 7.57
CA LEU A 542 4.19 -17.52 8.68
C LEU A 542 3.49 -18.86 8.60
N PHE A 543 4.27 -19.92 8.45
CA PHE A 543 3.76 -21.28 8.45
C PHE A 543 4.17 -21.92 9.77
N ASP A 544 3.20 -22.05 10.68
CA ASP A 544 3.47 -22.52 12.03
C ASP A 544 3.42 -24.03 12.08
N GLU A 545 4.40 -24.63 12.73
CA GLU A 545 4.53 -26.08 12.87
C GLU A 545 4.57 -26.76 11.50
N VAL A 546 5.55 -26.33 10.70
CA VAL A 546 5.65 -26.80 9.32
C VAL A 546 5.90 -28.30 9.23
N GLU A 547 6.43 -28.91 10.29
CA GLU A 547 6.69 -30.35 10.28
C GLU A 547 5.43 -31.18 10.07
N LYS A 548 4.25 -30.62 10.32
CA LYS A 548 3.00 -31.34 10.22
C LYS A 548 2.32 -31.21 8.87
N ALA A 549 2.86 -30.39 7.98
CA ALA A 549 2.22 -30.20 6.68
C ALA A 549 2.28 -31.48 5.88
N ALA A 550 1.21 -31.73 5.11
CA ALA A 550 1.21 -32.82 4.15
C ALA A 550 2.28 -32.59 3.10
N LYS A 551 2.88 -33.69 2.64
CA LYS A 551 4.00 -33.59 1.71
C LYS A 551 3.62 -32.84 0.44
N GLU A 552 2.34 -32.88 0.05
CA GLU A 552 1.90 -32.10 -1.11
C GLU A 552 1.92 -30.60 -0.80
N VAL A 553 1.58 -30.23 0.43
CA VAL A 553 1.61 -28.82 0.81
C VAL A 553 3.04 -28.33 0.91
N LEU A 554 3.92 -29.15 1.50
CA LEU A 554 5.34 -28.83 1.54
C LEU A 554 5.87 -28.55 0.14
N THR A 555 5.40 -29.32 -0.85
CA THR A 555 5.81 -29.14 -2.23
C THR A 555 5.50 -27.72 -2.71
N VAL A 556 4.35 -27.18 -2.30
CA VAL A 556 4.01 -25.81 -2.68
C VAL A 556 4.99 -24.82 -2.03
N LEU A 557 5.36 -25.07 -0.76
CA LEU A 557 6.31 -24.18 -0.10
C LEU A 557 7.66 -24.20 -0.80
N LEU A 558 8.09 -25.38 -1.25
CA LEU A 558 9.36 -25.47 -1.97
C LEU A 558 9.31 -24.70 -3.27
N GLN A 559 8.17 -24.74 -3.95
CA GLN A 559 8.01 -23.92 -5.16
C GLN A 559 8.04 -22.44 -4.81
N LEU A 560 7.37 -22.07 -3.73
CA LEU A 560 7.43 -20.70 -3.24
C LEU A 560 8.87 -20.29 -2.92
N MET A 561 9.61 -21.18 -2.23
CA MET A 561 10.97 -20.84 -1.84
C MET A 561 11.93 -20.86 -3.03
N ASP A 562 11.69 -21.72 -4.03
CA ASP A 562 12.67 -21.89 -5.09
C ASP A 562 12.42 -20.92 -6.25
N ASP A 563 11.18 -20.83 -6.73
CA ASP A 563 10.91 -20.08 -7.94
C ASP A 563 10.28 -18.71 -7.67
N GLY A 564 9.87 -18.43 -6.45
CA GLY A 564 9.23 -17.17 -6.16
C GLY A 564 7.82 -17.04 -6.71
N ARG A 565 7.19 -18.15 -7.08
CA ARG A 565 5.85 -18.16 -7.65
C ARG A 565 5.26 -19.55 -7.45
N ILE A 566 3.93 -19.61 -7.38
CA ILE A 566 3.24 -20.88 -7.23
C ILE A 566 2.08 -20.95 -8.22
N THR A 567 1.65 -22.18 -8.47
CA THR A 567 0.51 -22.46 -9.34
C THR A 567 -0.72 -22.75 -8.47
N ASP A 568 -1.82 -22.06 -8.73
CA ASP A 568 -3.05 -22.29 -7.97
C ASP A 568 -3.68 -23.61 -8.39
N GLY A 569 -4.91 -23.86 -7.95
CA GLY A 569 -5.60 -25.09 -8.29
C GLY A 569 -6.01 -25.20 -9.75
N GLN A 570 -6.13 -24.06 -10.44
CA GLN A 570 -6.52 -24.04 -11.85
C GLN A 570 -5.35 -23.74 -12.78
N GLY A 571 -4.16 -24.20 -12.43
CA GLY A 571 -3.00 -24.03 -13.29
C GLY A 571 -2.46 -22.60 -13.36
N ARG A 572 -3.27 -21.62 -12.99
CA ARG A 572 -2.79 -20.23 -12.97
C ARG A 572 -1.62 -20.06 -12.03
N VAL A 573 -0.60 -19.37 -12.49
CA VAL A 573 0.60 -19.09 -11.70
C VAL A 573 0.45 -17.70 -11.09
N VAL A 574 0.48 -17.63 -9.77
CA VAL A 574 0.46 -16.35 -9.05
C VAL A 574 1.87 -16.02 -8.60
N ASP A 575 2.21 -14.73 -8.64
CA ASP A 575 3.56 -14.26 -8.36
C ASP A 575 3.74 -14.00 -6.87
N ALA A 576 4.98 -14.15 -6.40
CA ALA A 576 5.28 -13.94 -4.98
C ALA A 576 6.73 -13.52 -4.79
N LYS A 577 7.24 -12.64 -5.65
CA LYS A 577 8.63 -12.19 -5.53
C LYS A 577 8.85 -11.31 -4.30
N ASN A 578 7.81 -10.66 -3.79
CA ASN A 578 7.95 -9.58 -2.81
C ASN A 578 7.43 -9.96 -1.43
N CYS A 579 7.38 -11.24 -1.12
CA CYS A 579 6.93 -11.72 0.18
C CYS A 579 8.13 -12.22 0.98
N ILE A 580 7.88 -12.62 2.22
CA ILE A 580 8.88 -13.24 3.08
C ILE A 580 8.29 -14.51 3.66
N VAL A 581 9.07 -15.58 3.65
CA VAL A 581 8.62 -16.89 4.13
C VAL A 581 9.30 -17.16 5.46
N VAL A 582 8.49 -17.38 6.50
CA VAL A 582 8.97 -17.85 7.78
C VAL A 582 8.22 -19.13 8.12
N MET A 583 8.95 -20.20 8.39
CA MET A 583 8.38 -21.45 8.84
C MET A 583 8.91 -21.74 10.25
N THR A 584 8.03 -22.20 11.15
CA THR A 584 8.44 -22.49 12.52
C THR A 584 8.29 -23.97 12.81
N SER A 585 9.19 -24.48 13.63
CA SER A 585 9.15 -25.87 14.05
C SER A 585 9.76 -26.00 15.43
N ASN A 586 9.50 -27.13 16.08
CA ASN A 586 10.09 -27.44 17.37
C ASN A 586 10.65 -28.86 17.39
N LEU A 587 11.18 -29.34 16.26
CA LEU A 587 11.74 -30.67 16.19
C LEU A 587 13.11 -30.77 16.82
N GLY A 588 13.63 -29.71 17.41
CA GLY A 588 14.96 -29.76 17.97
C GLY A 588 15.02 -29.50 19.47
N ALA A 589 13.86 -29.34 20.10
CA ALA A 589 13.85 -29.02 21.53
C ALA A 589 14.40 -30.15 22.39
N GLU A 590 14.47 -31.36 21.84
CA GLU A 590 14.95 -32.51 22.60
C GLU A 590 16.42 -32.35 23.00
N TYR A 591 17.24 -31.81 22.10
CA TYR A 591 18.69 -31.75 22.29
C TYR A 591 19.17 -30.38 22.74
N LEU A 592 18.29 -29.52 23.24
CA LEU A 592 18.67 -28.18 23.67
C LEU A 592 18.35 -28.03 25.15
N SER A 593 19.37 -28.13 25.99
CA SER A 593 19.24 -27.82 27.40
C SER A 593 19.64 -26.37 27.64
N ARG A 594 19.13 -25.80 28.74
CA ARG A 594 19.33 -24.39 29.03
C ARG A 594 20.82 -24.06 29.21
N ALA A 595 21.42 -23.45 28.21
CA ALA A 595 22.85 -23.13 28.23
C ALA A 595 23.14 -21.87 27.41
N ILE A 603 25.11 -20.04 22.14
CA ILE A 603 24.58 -21.31 21.66
C ILE A 603 25.74 -22.26 21.33
N ASP A 604 25.50 -23.56 21.51
CA ASP A 604 26.43 -24.69 21.44
C ASP A 604 26.48 -25.25 20.02
N PRO A 605 27.68 -25.54 19.49
CA PRO A 605 27.80 -25.95 18.09
C PRO A 605 27.75 -27.47 17.87
N THR A 606 28.12 -28.26 18.87
CA THR A 606 27.98 -29.70 18.69
C THR A 606 26.52 -30.10 18.65
N THR A 607 25.65 -29.41 19.41
CA THR A 607 24.21 -29.71 19.38
C THR A 607 23.56 -29.35 18.05
N ARG A 608 24.30 -28.74 17.12
CA ARG A 608 23.69 -28.16 15.93
C ARG A 608 23.19 -29.23 14.96
N GLU A 609 23.95 -30.29 14.75
CA GLU A 609 23.51 -31.25 13.76
C GLU A 609 22.68 -32.40 14.33
N LEU A 610 22.55 -32.50 15.65
CA LEU A 610 21.55 -33.43 16.19
C LEU A 610 20.15 -32.91 15.91
N VAL A 611 19.94 -31.59 15.99
CA VAL A 611 18.65 -31.03 15.59
C VAL A 611 18.53 -31.00 14.07
N MET A 612 19.65 -30.76 13.37
CA MET A 612 19.61 -30.70 11.91
C MET A 612 19.55 -32.08 11.26
N ASN A 613 20.03 -33.13 11.94
CA ASN A 613 19.76 -34.48 11.45
C ASN A 613 18.33 -34.91 11.74
N THR A 614 17.74 -34.41 12.83
CA THR A 614 16.32 -34.61 13.05
C THR A 614 15.49 -33.92 11.98
N LEU A 615 16.01 -32.83 11.41
CA LEU A 615 15.33 -32.14 10.32
C LEU A 615 15.49 -32.87 8.99
N ARG A 616 16.58 -33.63 8.81
CA ARG A 616 16.90 -34.21 7.50
C ARG A 616 15.99 -35.38 7.14
N ASN A 617 15.31 -35.98 8.11
CA ASN A 617 14.37 -37.06 7.80
C ASN A 617 12.93 -36.58 7.67
N TYR A 618 12.55 -35.52 8.40
CA TYR A 618 11.22 -34.95 8.23
C TYR A 618 11.11 -34.18 6.92
N PHE A 619 12.19 -33.49 6.52
CA PHE A 619 12.20 -32.71 5.29
C PHE A 619 13.29 -33.24 4.37
N LEU A 620 13.00 -33.25 3.07
CA LEU A 620 13.96 -33.75 2.11
C LEU A 620 15.13 -32.77 1.96
N PRO A 621 16.30 -33.25 1.55
CA PRO A 621 17.46 -32.35 1.44
C PRO A 621 17.24 -31.20 0.45
N GLU A 622 16.50 -31.43 -0.64
CA GLU A 622 16.20 -30.33 -1.55
C GLU A 622 15.31 -29.29 -0.88
N PHE A 623 14.44 -29.72 0.04
CA PHE A 623 13.65 -28.76 0.79
C PHE A 623 14.56 -27.88 1.65
N LEU A 624 15.41 -28.51 2.46
CA LEU A 624 16.29 -27.74 3.34
C LEU A 624 17.29 -26.90 2.57
N ASN A 625 17.69 -27.34 1.38
CA ASN A 625 18.71 -26.59 0.64
C ASN A 625 18.15 -25.30 0.08
N ARG A 626 16.85 -25.24 -0.21
CA ARG A 626 16.29 -24.04 -0.81
C ARG A 626 15.82 -23.03 0.24
N ILE A 627 16.08 -23.28 1.52
CA ILE A 627 15.78 -22.34 2.60
C ILE A 627 16.98 -21.41 2.77
N SER A 628 16.72 -20.10 2.77
CA SER A 628 17.81 -19.13 2.90
C SER A 628 18.63 -19.35 4.16
N SER A 629 17.97 -19.58 5.30
CA SER A 629 18.65 -19.73 6.58
C SER A 629 17.86 -20.66 7.49
N ILE A 630 18.49 -21.74 7.93
CA ILE A 630 17.92 -22.62 8.93
C ILE A 630 18.42 -22.14 10.29
N VAL A 631 17.52 -21.54 11.08
CA VAL A 631 17.87 -20.83 12.30
C VAL A 631 17.39 -21.62 13.51
N ILE A 632 18.26 -21.76 14.51
CA ILE A 632 17.99 -22.57 15.69
C ILE A 632 17.84 -21.65 16.90
N PHE A 633 16.73 -21.80 17.62
CA PHE A 633 16.48 -21.13 18.88
C PHE A 633 16.83 -22.06 20.02
N ASN A 634 17.56 -21.57 21.01
CA ASN A 634 17.84 -22.37 22.19
C ASN A 634 16.94 -21.96 23.35
N ARG A 635 17.01 -22.74 24.42
CA ARG A 635 16.19 -22.44 25.59
C ARG A 635 16.68 -21.17 26.28
N LEU A 636 15.74 -20.43 26.85
CA LEU A 636 16.05 -19.15 27.47
C LEU A 636 16.63 -19.36 28.86
N THR A 637 17.72 -18.66 29.16
CA THR A 637 18.38 -18.75 30.45
C THR A 637 17.56 -18.03 31.53
N ARG A 638 17.97 -18.24 32.78
CA ARG A 638 17.27 -17.63 33.90
C ARG A 638 17.39 -16.11 33.85
N ARG A 639 18.56 -15.58 33.49
CA ARG A 639 18.70 -14.13 33.37
C ARG A 639 17.90 -13.60 32.19
N GLU A 640 17.93 -14.32 31.06
CA GLU A 640 17.12 -13.90 29.91
C GLU A 640 15.64 -13.89 30.25
N ILE A 641 15.17 -14.90 30.99
CA ILE A 641 13.77 -14.91 31.40
C ILE A 641 13.46 -13.70 32.27
N ARG A 642 14.46 -13.21 33.01
CA ARG A 642 14.22 -12.08 33.92
C ARG A 642 14.02 -10.78 33.14
N LYS A 643 14.80 -10.55 32.07
CA LYS A 643 14.59 -9.33 31.29
C LYS A 643 13.26 -9.37 30.54
N ILE A 644 12.81 -10.55 30.12
CA ILE A 644 11.48 -10.66 29.55
C ILE A 644 10.43 -10.14 30.52
N VAL A 645 10.60 -10.44 31.82
CA VAL A 645 9.68 -9.92 32.82
C VAL A 645 9.76 -8.39 32.89
N ASP A 646 10.98 -7.84 32.83
CA ASP A 646 11.10 -6.40 32.82
C ASP A 646 10.48 -5.80 31.56
N LEU A 647 10.59 -6.51 30.42
CA LEU A 647 9.94 -6.04 29.22
C LEU A 647 8.44 -5.93 29.41
N ARG A 648 7.82 -6.91 30.07
CA ARG A 648 6.37 -6.89 30.19
C ARG A 648 5.90 -5.85 31.20
N ILE A 649 6.62 -5.66 32.32
CA ILE A 649 6.20 -4.58 33.21
C ILE A 649 6.40 -3.23 32.52
N ALA A 650 7.41 -3.12 31.66
CA ALA A 650 7.61 -1.88 30.91
C ALA A 650 6.41 -1.58 30.02
N GLU A 651 5.79 -2.61 29.44
CA GLU A 651 4.57 -2.40 28.67
C GLU A 651 3.41 -2.02 29.57
N ILE A 652 3.25 -2.70 30.71
CA ILE A 652 2.21 -2.31 31.64
C ILE A 652 2.46 -0.90 32.15
N GLN A 653 3.73 -0.57 32.41
CA GLN A 653 4.09 0.79 32.78
C GLN A 653 3.69 1.79 31.70
N LYS A 654 3.80 1.39 30.42
CA LYS A 654 3.43 2.29 29.33
C LYS A 654 1.94 2.57 29.30
N ARG A 655 1.11 1.53 29.45
CA ARG A 655 -0.34 1.76 29.45
C ARG A 655 -0.75 2.64 30.63
N LEU A 656 -0.13 2.43 31.79
CA LEU A 656 -0.39 3.31 32.92
C LEU A 656 -0.05 4.76 32.58
N THR A 657 1.13 4.97 31.99
CA THR A 657 1.51 6.30 31.53
C THR A 657 0.63 6.76 30.37
N ASP A 658 0.25 5.85 29.48
CA ASP A 658 -0.61 6.21 28.36
C ASP A 658 -1.98 6.66 28.83
N ASN A 659 -2.49 6.08 29.91
CA ASN A 659 -3.70 6.56 30.57
C ASN A 659 -3.28 7.66 31.55
N ASP A 660 -4.18 8.05 32.45
CA ASP A 660 -3.90 9.21 33.29
C ASP A 660 -2.92 8.92 34.43
N ARG A 661 -2.64 7.66 34.75
CA ARG A 661 -2.12 7.31 36.08
C ARG A 661 -0.61 7.49 36.20
N ASN A 662 -0.19 8.16 37.28
CA ASN A 662 1.20 8.34 37.63
C ASN A 662 1.68 7.30 38.65
N VAL A 663 1.22 6.07 38.47
CA VAL A 663 1.64 4.94 39.29
C VAL A 663 2.83 4.28 38.63
N THR A 664 3.90 4.10 39.39
CA THR A 664 5.11 3.50 38.88
C THR A 664 5.31 2.11 39.48
N ILE A 665 5.50 1.12 38.62
CA ILE A 665 5.71 -0.27 39.02
C ILE A 665 7.20 -0.52 39.19
N LYS A 666 7.61 -0.89 40.39
CA LYS A 666 8.96 -1.36 40.67
C LYS A 666 8.87 -2.76 41.25
N VAL A 667 9.82 -3.61 40.87
CA VAL A 667 9.80 -5.03 41.21
C VAL A 667 11.08 -5.34 41.97
N SER A 668 10.94 -5.89 43.17
CA SER A 668 12.10 -6.30 43.93
C SER A 668 12.80 -7.46 43.23
N ASP A 669 14.09 -7.63 43.56
CA ASP A 669 14.88 -8.66 42.89
C ASP A 669 14.30 -10.05 43.11
N GLU A 670 14.06 -10.42 44.36
CA GLU A 670 13.57 -11.78 44.62
C GLU A 670 12.17 -12.00 44.08
N ALA A 671 11.31 -10.97 44.12
CA ALA A 671 10.01 -11.10 43.48
C ALA A 671 10.18 -11.29 41.97
N LYS A 672 11.06 -10.49 41.36
CA LYS A 672 11.37 -10.71 39.95
C LYS A 672 11.93 -12.10 39.71
N ASP A 673 12.65 -12.65 40.67
CA ASP A 673 13.21 -13.99 40.50
C ASP A 673 12.11 -15.04 40.51
N LYS A 674 11.14 -14.92 41.43
CA LYS A 674 10.07 -15.91 41.52
C LYS A 674 9.17 -15.86 40.30
N LEU A 675 8.93 -14.65 39.77
CA LEU A 675 8.18 -14.51 38.53
C LEU A 675 8.87 -15.26 37.40
N GLY A 676 10.20 -15.13 37.29
CA GLY A 676 10.92 -15.83 36.26
C GLY A 676 11.02 -17.33 36.49
N ALA A 677 10.97 -17.76 37.75
CA ALA A 677 10.96 -19.19 38.03
C ALA A 677 9.59 -19.81 37.82
N GLN A 678 8.55 -19.14 38.30
CA GLN A 678 7.19 -19.57 38.02
C GLN A 678 6.83 -19.41 36.55
N GLY A 679 7.47 -18.48 35.85
CA GLY A 679 7.07 -18.19 34.49
C GLY A 679 7.58 -19.23 33.50
N TYR A 680 8.87 -19.55 33.56
CA TYR A 680 9.45 -20.48 32.60
C TYR A 680 8.87 -21.87 32.78
N SER A 681 8.90 -22.62 31.68
CA SER A 681 8.47 -24.00 31.64
C SER A 681 9.33 -24.67 30.58
N PRO A 682 9.85 -25.87 30.86
CA PRO A 682 10.63 -26.58 29.83
C PRO A 682 9.78 -27.03 28.65
N VAL A 683 8.47 -26.83 28.71
CA VAL A 683 7.55 -27.30 27.70
C VAL A 683 6.93 -26.13 26.93
N TYR A 684 6.49 -25.09 27.64
CA TYR A 684 5.85 -23.94 27.02
C TYR A 684 6.71 -22.68 27.06
N GLY A 685 7.99 -22.79 27.41
CA GLY A 685 8.91 -21.66 27.34
C GLY A 685 8.42 -20.47 28.16
N ALA A 686 8.42 -19.30 27.53
CA ALA A 686 8.02 -18.07 28.19
C ALA A 686 6.55 -17.73 27.98
N ARG A 687 5.76 -18.65 27.42
CA ARG A 687 4.33 -18.39 27.23
C ARG A 687 3.58 -18.15 28.55
N PRO A 688 3.81 -18.91 29.63
CA PRO A 688 3.00 -18.69 30.84
C PRO A 688 3.29 -17.37 31.53
N LEU A 689 4.26 -16.59 31.06
CA LEU A 689 4.69 -15.41 31.80
C LEU A 689 3.65 -14.30 31.73
N GLN A 690 3.05 -14.08 30.56
CA GLN A 690 2.10 -12.97 30.42
C GLN A 690 0.89 -13.16 31.32
N ARG A 691 0.38 -14.39 31.41
CA ARG A 691 -0.78 -14.64 32.26
C ARG A 691 -0.41 -14.66 33.74
N LEU A 692 0.78 -15.16 34.06
CA LEU A 692 1.21 -15.23 35.46
C LEU A 692 1.26 -13.83 36.08
N LEU A 693 1.87 -12.87 35.37
CA LEU A 693 1.89 -11.50 35.85
C LEU A 693 0.47 -10.96 36.03
N GLU A 694 -0.40 -11.25 35.07
CA GLU A 694 -1.79 -10.81 35.18
C GLU A 694 -2.44 -11.37 36.44
N LYS A 695 -2.23 -12.66 36.72
CA LYS A 695 -2.95 -13.29 37.83
C LYS A 695 -2.43 -12.83 39.18
N GLU A 696 -1.11 -12.78 39.35
CA GLU A 696 -0.51 -12.52 40.66
C GLU A 696 -0.29 -11.04 40.94
N VAL A 697 0.11 -10.26 39.94
CA VAL A 697 0.40 -8.85 40.12
C VAL A 697 -0.75 -7.96 39.66
N LEU A 698 -1.24 -8.17 38.43
CA LEU A 698 -2.10 -7.16 37.81
C LEU A 698 -3.50 -7.14 38.42
N ASN A 699 -4.03 -8.31 38.78
CA ASN A 699 -5.36 -8.34 39.40
C ASN A 699 -5.41 -7.50 40.67
N ARG A 700 -4.46 -7.74 41.61
CA ARG A 700 -4.45 -6.94 42.83
C ARG A 700 -4.08 -5.49 42.54
N LEU A 701 -3.14 -5.25 41.63
CA LEU A 701 -2.73 -3.88 41.34
C LEU A 701 -3.90 -3.06 40.83
N ALA A 702 -4.78 -3.66 40.03
CA ALA A 702 -6.02 -2.97 39.67
C ALA A 702 -6.80 -2.58 40.91
N ILE A 703 -7.23 -3.56 41.70
CA ILE A 703 -8.09 -3.32 42.86
C ILE A 703 -7.50 -2.22 43.76
N LEU A 704 -6.20 -2.29 44.05
CA LEU A 704 -5.60 -1.28 44.91
C LEU A 704 -5.63 0.11 44.29
N ILE A 705 -5.50 0.21 42.98
CA ILE A 705 -5.59 1.51 42.33
C ILE A 705 -6.99 2.10 42.48
N LEU A 706 -8.03 1.32 42.15
CA LEU A 706 -9.37 1.85 42.27
C LEU A 706 -9.81 2.03 43.71
N ARG A 707 -9.19 1.31 44.65
CA ARG A 707 -9.46 1.51 46.07
C ARG A 707 -8.79 2.76 46.62
N GLY A 708 -7.82 3.32 45.89
CA GLY A 708 -7.05 4.43 46.39
C GLY A 708 -5.94 4.06 47.33
N GLN A 709 -5.61 2.77 47.46
CA GLN A 709 -4.50 2.36 48.29
C GLN A 709 -3.15 2.50 47.60
N ILE A 710 -3.14 2.76 46.29
CA ILE A 710 -1.95 3.22 45.57
C ILE A 710 -2.37 4.41 44.75
N ARG A 711 -1.97 5.61 45.18
CA ARG A 711 -2.47 6.85 44.61
C ARG A 711 -1.47 7.42 43.60
N GLU A 712 -1.83 8.55 43.02
CA GLU A 712 -0.99 9.17 41.99
C GLU A 712 0.36 9.59 42.55
N GLY A 713 1.40 9.36 41.77
CA GLY A 713 2.76 9.72 42.16
C GLY A 713 3.48 8.69 43.00
N GLU A 714 2.78 7.67 43.50
CA GLU A 714 3.42 6.67 44.34
C GLU A 714 3.94 5.50 43.51
N VAL A 715 4.55 4.54 44.20
CA VAL A 715 5.09 3.35 43.59
C VAL A 715 4.24 2.15 43.99
N ALA A 716 3.89 1.33 43.01
CA ALA A 716 3.36 0.00 43.26
C ALA A 716 4.57 -0.91 43.44
N CYS A 717 4.86 -1.26 44.69
CA CYS A 717 5.96 -2.17 44.97
C CYS A 717 5.45 -3.60 44.91
N VAL A 718 6.00 -4.39 44.03
CA VAL A 718 5.64 -5.80 43.96
C VAL A 718 6.75 -6.60 44.64
N GLU A 719 6.38 -7.34 45.67
CA GLU A 719 7.33 -8.01 46.55
C GLU A 719 7.05 -9.49 46.59
N LEU A 720 7.95 -10.20 47.26
CA LEU A 720 7.81 -11.63 47.52
C LEU A 720 7.50 -11.81 49.00
N VAL A 721 6.23 -11.93 49.35
CA VAL A 721 5.81 -12.07 50.75
C VAL A 721 5.36 -13.51 50.99
N ASP A 722 5.92 -14.12 52.02
CA ASP A 722 5.61 -15.51 52.39
C ASP A 722 5.77 -16.45 51.19
N GLY A 723 6.79 -16.18 50.38
CA GLY A 723 7.10 -17.01 49.23
C GLY A 723 6.18 -16.89 48.03
N LYS A 724 5.28 -15.90 48.02
CA LYS A 724 4.37 -15.70 46.90
C LYS A 724 4.37 -14.24 46.47
N VAL A 725 4.44 -14.01 45.16
CA VAL A 725 4.55 -12.65 44.65
C VAL A 725 3.27 -11.89 44.92
N GLN A 726 3.42 -10.70 45.50
CA GLN A 726 2.28 -9.83 45.74
C GLN A 726 2.72 -8.39 45.59
N VAL A 727 1.76 -7.52 45.37
CA VAL A 727 1.99 -6.07 45.37
C VAL A 727 1.20 -5.50 46.52
N LEU A 728 1.87 -4.68 47.33
CA LEU A 728 1.35 -4.24 48.62
C LEU A 728 0.74 -2.84 48.53
N PRO A 729 -0.25 -2.56 49.36
CA PRO A 729 -0.80 -1.21 49.42
C PRO A 729 0.20 -0.21 49.99
N ASN A 730 -0.16 1.06 49.86
CA ASN A 730 0.60 2.15 50.42
C ASN A 730 -0.18 2.92 51.48
N HIS A 731 -1.48 2.71 51.55
CA HIS A 731 -2.37 3.33 52.52
C HIS A 731 -3.43 2.29 52.88
N PRO A 732 -3.73 2.14 54.17
CA PRO A 732 -4.84 1.27 54.57
C PRO A 732 -6.16 1.77 54.02
N ASP A 733 -7.11 0.85 53.88
CA ASP A 733 -8.44 1.14 53.37
C ASP A 733 -9.12 2.29 54.12
PB ADP B . -8.92 -1.01 -12.80
O1B ADP B . -9.78 -0.55 -13.95
O2B ADP B . -8.19 -2.31 -13.04
O3B ADP B . -9.61 -0.92 -11.45
PA ADP B . -7.70 1.38 -13.66
O1A ADP B . -8.93 2.20 -13.35
O2A ADP B . -7.41 1.02 -15.10
O3A ADP B . -7.73 0.07 -12.74
O5' ADP B . -6.42 2.13 -13.04
C5' ADP B . -6.58 3.03 -11.94
C4' ADP B . -5.59 4.17 -12.08
O4' ADP B . -4.32 3.66 -12.47
C3' ADP B . -6.06 5.14 -13.15
O3' ADP B . -6.05 6.46 -12.63
C2' ADP B . -5.04 5.01 -14.26
O2' ADP B . -4.69 6.30 -14.76
C1' ADP B . -3.83 4.34 -13.62
N9 ADP B . -3.18 3.38 -14.54
C8 ADP B . -3.27 2.03 -14.49
N7 ADP B . -2.55 1.44 -15.47
C5 ADP B . -1.97 2.43 -16.19
C6 ADP B . -1.08 2.53 -17.36
N6 ADP B . -0.64 1.42 -18.01
N1 ADP B . -0.71 3.76 -17.79
C2 ADP B . -1.14 4.88 -17.17
N3 ADP B . -1.96 4.87 -16.10
C4 ADP B . -2.39 3.71 -15.56
PB ADP C . 7.23 -19.86 19.85
O1B ADP C . 6.75 -19.17 18.60
O2B ADP C . 6.51 -21.15 20.16
O3B ADP C . 8.74 -19.93 19.95
PA ADP C . 6.53 -17.30 20.84
O1A ADP C . 5.16 -17.18 20.20
O2A ADP C . 7.73 -16.67 20.20
O3A ADP C . 6.80 -18.88 21.05
O5' ADP C . 6.40 -16.80 22.37
C5' ADP C . 5.12 -16.58 22.97
C4' ADP C . 5.22 -15.47 24.01
O4' ADP C . 6.31 -15.72 24.89
C3' ADP C . 5.46 -14.12 23.35
O3' ADP C . 4.25 -13.34 23.34
C2' ADP C . 6.49 -13.45 24.22
O2' ADP C . 5.82 -12.52 25.07
C1' ADP C . 7.11 -14.54 25.07
N9 ADP C . 8.50 -14.84 24.61
C8 ADP C . 8.95 -16.04 24.22
N7 ADP C . 10.26 -15.99 23.86
C5 ADP C . 10.67 -14.72 24.04
C6 ADP C . 11.94 -13.99 23.84
N6 ADP C . 13.06 -14.60 23.39
N1 ADP C . 11.94 -12.66 24.14
C2 ADP C . 10.84 -12.04 24.60
N3 ADP C . 9.66 -12.64 24.79
C4 ADP C . 9.51 -13.97 24.53
S SO4 D . -8.79 -14.64 36.62
O1 SO4 D . -9.11 -15.76 35.74
O2 SO4 D . -10.02 -14.11 37.23
O3 SO4 D . -7.88 -15.09 37.67
O4 SO4 D . -8.14 -13.58 35.85
S SO4 E . -4.14 18.33 -49.67
O1 SO4 E . -4.62 17.08 -50.27
O2 SO4 E . -5.13 18.84 -48.72
O3 SO4 E . -2.88 18.08 -48.98
O4 SO4 E . -3.92 19.32 -50.73
S SO4 F . 10.96 5.09 -16.78
O1 SO4 F . 9.95 6.02 -17.26
O2 SO4 F . 12.30 5.67 -16.91
O3 SO4 F . 10.73 4.78 -15.37
O4 SO4 F . 10.88 3.86 -17.59
S SO4 G . 0.35 -15.59 19.15
O1 SO4 G . -1.04 -16.05 19.16
O2 SO4 G . 0.55 -14.59 20.20
O3 SO4 G . 1.24 -16.74 19.34
O4 SO4 G . 0.63 -14.98 17.86
S SO4 H . 15.73 4.84 -12.30
O1 SO4 H . 15.74 6.02 -13.17
O2 SO4 H . 16.78 4.97 -11.29
O3 SO4 H . 14.43 4.74 -11.64
O4 SO4 H . 15.97 3.65 -13.11
S SO4 I . 12.68 16.75 -10.84
O1 SO4 I . 11.42 16.19 -11.33
O2 SO4 I . 12.52 17.20 -9.46
O3 SO4 I . 13.71 15.71 -10.92
O4 SO4 I . 13.07 17.88 -11.67
#